data_1E9K
# 
_entry.id   1E9K 
# 
_audit_conform.dict_name       mmcif_pdbx.dic 
_audit_conform.dict_version    5.392 
_audit_conform.dict_location   http://mmcif.pdb.org/dictionaries/ascii/mmcif_pdbx.dic 
# 
loop_
_database_2.database_id 
_database_2.database_code 
_database_2.pdbx_database_accession 
_database_2.pdbx_DOI 
PDB   1E9K         pdb_00001e9k 10.2210/pdb1e9k/pdb 
PDBE  EBI-5453     ?            ?                   
WWPDB D_1290005453 ?            ?                   
# 
loop_
_pdbx_audit_revision_history.ordinal 
_pdbx_audit_revision_history.data_content_type 
_pdbx_audit_revision_history.major_revision 
_pdbx_audit_revision_history.minor_revision 
_pdbx_audit_revision_history.revision_date 
1 'Structure model' 1 0 2001-10-18 
2 'Structure model' 1 1 2011-05-08 
3 'Structure model' 1 2 2011-07-13 
4 'Structure model' 1 3 2018-06-20 
5 'Structure model' 1 4 2024-05-15 
# 
_pdbx_audit_revision_details.ordinal             1 
_pdbx_audit_revision_details.revision_ordinal    1 
_pdbx_audit_revision_details.data_content_type   'Structure model' 
_pdbx_audit_revision_details.provider            repository 
_pdbx_audit_revision_details.type                'Initial release' 
_pdbx_audit_revision_details.description         ? 
_pdbx_audit_revision_details.details             ? 
# 
loop_
_pdbx_audit_revision_group.ordinal 
_pdbx_audit_revision_group.revision_ordinal 
_pdbx_audit_revision_group.data_content_type 
_pdbx_audit_revision_group.group 
1 2 'Structure model' 'Version format compliance' 
2 3 'Structure model' 'Version format compliance' 
3 4 'Structure model' 'Data collection'           
4 4 'Structure model' 'Database references'       
5 4 'Structure model' 'Source and taxonomy'       
6 4 'Structure model' 'Structure summary'         
7 5 'Structure model' 'Data collection'           
8 5 'Structure model' 'Database references'       
9 5 'Structure model' Other                       
# 
loop_
_pdbx_audit_revision_category.ordinal 
_pdbx_audit_revision_category.revision_ordinal 
_pdbx_audit_revision_category.data_content_type 
_pdbx_audit_revision_category.category 
1  4 'Structure model' citation             
2  4 'Structure model' citation_author      
3  4 'Structure model' entity               
4  4 'Structure model' entity_name_com      
5  4 'Structure model' pdbx_entity_src_syn  
6  4 'Structure model' struct_ref           
7  4 'Structure model' struct_ref_seq       
8  5 'Structure model' chem_comp_atom       
9  5 'Structure model' chem_comp_bond       
10 5 'Structure model' database_2           
11 5 'Structure model' pdbx_database_status 
# 
loop_
_pdbx_audit_revision_item.ordinal 
_pdbx_audit_revision_item.revision_ordinal 
_pdbx_audit_revision_item.data_content_type 
_pdbx_audit_revision_item.item 
1  4 'Structure model' '_citation.journal_abbrev'                  
2  4 'Structure model' '_citation.page_last'                       
3  4 'Structure model' '_citation.pdbx_database_id_DOI'            
4  4 'Structure model' '_citation.title'                           
5  4 'Structure model' '_citation_author.name'                     
6  4 'Structure model' '_entity.pdbx_description'                  
7  4 'Structure model' '_entity.pdbx_ec'                           
8  4 'Structure model' '_pdbx_entity_src_syn.organism_common_name' 
9  4 'Structure model' '_pdbx_entity_src_syn.organism_scientific'  
10 4 'Structure model' '_pdbx_entity_src_syn.pdbx_beg_seq_num'     
11 4 'Structure model' '_pdbx_entity_src_syn.pdbx_end_seq_num'     
12 4 'Structure model' '_struct_ref.db_code'                       
13 4 'Structure model' '_struct_ref.pdbx_align_begin'              
14 4 'Structure model' '_struct_ref.pdbx_db_accession'             
15 4 'Structure model' '_struct_ref.pdbx_db_isoform'               
16 4 'Structure model' '_struct_ref.pdbx_seq_one_letter_code'      
17 4 'Structure model' '_struct_ref_seq.pdbx_db_accession'         
18 5 'Structure model' '_database_2.pdbx_DOI'                      
19 5 'Structure model' '_database_2.pdbx_database_accession'       
20 5 'Structure model' '_pdbx_database_status.status_code_mr'      
# 
_pdbx_database_status.status_code                     REL 
_pdbx_database_status.entry_id                        1E9K 
_pdbx_database_status.deposit_site                    PDBE 
_pdbx_database_status.process_site                    PDBE 
_pdbx_database_status.SG_entry                        . 
_pdbx_database_status.recvd_initial_deposition_date   2000-10-20 
_pdbx_database_status.pdb_format_compatible           Y 
_pdbx_database_status.status_code_sf                  ? 
_pdbx_database_status.status_code_mr                  REL 
_pdbx_database_status.status_code_cs                  ? 
_pdbx_database_status.methods_development_category    ? 
_pdbx_database_status.status_code_nmr_data            ? 
# 
loop_
_audit_author.name 
_audit_author.pdbx_ordinal 
_audit_author.identifier_ORCID 
'Bolger, G.B.'  1 ? 
'Smith, K.J.'   2 ? 
'McCahill, A.'  3 ? 
'Hyde, E.I.'    4 ? 
'Steele, M.R.'  5 ? 
'Houslay, M.D.' 6 ? 
# 
_citation.id                        primary 
_citation.title                     
;1H NMR structural and functional characterisation of a cAMP-specific phosphodiesterase-4D5 (PDE4D5) N-terminal region peptide that disrupts PDE4D5 interaction with the signalling scaffold proteins, beta-arrestin and RACK1.
;
_citation.journal_abbrev            'Cell. Signal.' 
_citation.journal_volume            19 
_citation.page_first                2612 
_citation.page_last                 2624 
_citation.year                      2007 
_citation.journal_id_ASTM           ? 
_citation.country                   UK 
_citation.journal_id_ISSN           0898-6568 
_citation.journal_id_CSD            ? 
_citation.book_publisher            ? 
_citation.pdbx_database_id_PubMed   17900862 
_citation.pdbx_database_id_DOI      10.1016/j.cellsig.2007.08.015 
# 
loop_
_citation_author.citation_id 
_citation_author.name 
_citation_author.ordinal 
_citation_author.identifier_ORCID 
primary 'Smith, K.J.'   1  ? 
primary 'Baillie, G.S.' 2  ? 
primary 'Hyde, E.I.'    3  ? 
primary 'Li, X.'        4  ? 
primary 'Houslay, T.M.' 5  ? 
primary 'McCahill, A.'  6  ? 
primary 'Dunlop, A.J.'  7  ? 
primary 'Bolger, G.B.'  8  ? 
primary 'Klussmann, E.' 9  ? 
primary 'Adams, D.R.'   10 ? 
primary 'Houslay, M.D.' 11 ? 
# 
_entity.id                         1 
_entity.type                       polymer 
_entity.src_method                 syn 
_entity.pdbx_description           
;cAMP-specific 3',5'-cyclic phosphodiesterase 4D
;
_entity.formula_weight             4430.994 
_entity.pdbx_number_of_molecules   1 
_entity.pdbx_ec                    3.1.4.53 
_entity.pdbx_mutation              ? 
_entity.pdbx_fragment              'RACK1 INTERACTION SITE WITHIN UNIQUE N-TERMINAL REGION (RESIDUES 12-49)' 
_entity.details                    ? 
# 
_entity_name_com.entity_id   1 
_entity_name_com.name        DPDE3,PDE43 
# 
_entity_poly.entity_id                      1 
_entity_poly.type                           'polypeptide(L)' 
_entity_poly.nstd_linkage                   no 
_entity_poly.nstd_monomer                   no 
_entity_poly.pdbx_seq_one_letter_code       VPEVDNPHCPNPWLNEDLVKSLRENLLQHEKSKTARKS 
_entity_poly.pdbx_seq_one_letter_code_can   VPEVDNPHCPNPWLNEDLVKSLRENLLQHEKSKTARKS 
_entity_poly.pdbx_strand_id                 A 
_entity_poly.pdbx_target_identifier         ? 
# 
loop_
_entity_poly_seq.entity_id 
_entity_poly_seq.num 
_entity_poly_seq.mon_id 
_entity_poly_seq.hetero 
1 1  VAL n 
1 2  PRO n 
1 3  GLU n 
1 4  VAL n 
1 5  ASP n 
1 6  ASN n 
1 7  PRO n 
1 8  HIS n 
1 9  CYS n 
1 10 PRO n 
1 11 ASN n 
1 12 PRO n 
1 13 TRP n 
1 14 LEU n 
1 15 ASN n 
1 16 GLU n 
1 17 ASP n 
1 18 LEU n 
1 19 VAL n 
1 20 LYS n 
1 21 SER n 
1 22 LEU n 
1 23 ARG n 
1 24 GLU n 
1 25 ASN n 
1 26 LEU n 
1 27 LEU n 
1 28 GLN n 
1 29 HIS n 
1 30 GLU n 
1 31 LYS n 
1 32 SER n 
1 33 LYS n 
1 34 THR n 
1 35 ALA n 
1 36 ARG n 
1 37 LYS n 
1 38 SER n 
# 
_pdbx_entity_src_syn.entity_id              1 
_pdbx_entity_src_syn.pdbx_src_id            1 
_pdbx_entity_src_syn.pdbx_alt_source_flag   sample 
_pdbx_entity_src_syn.pdbx_beg_seq_num       1 
_pdbx_entity_src_syn.pdbx_end_seq_num       38 
_pdbx_entity_src_syn.organism_scientific    'Homo sapiens' 
_pdbx_entity_src_syn.organism_common_name   Human 
_pdbx_entity_src_syn.ncbi_taxonomy_id       9606 
_pdbx_entity_src_syn.details                ? 
# 
loop_
_chem_comp.id 
_chem_comp.type 
_chem_comp.mon_nstd_flag 
_chem_comp.name 
_chem_comp.pdbx_synonyms 
_chem_comp.formula 
_chem_comp.formula_weight 
ALA 'L-peptide linking' y ALANINE         ? 'C3 H7 N O2'     89.093  
ARG 'L-peptide linking' y ARGININE        ? 'C6 H15 N4 O2 1' 175.209 
ASN 'L-peptide linking' y ASPARAGINE      ? 'C4 H8 N2 O3'    132.118 
ASP 'L-peptide linking' y 'ASPARTIC ACID' ? 'C4 H7 N O4'     133.103 
CYS 'L-peptide linking' y CYSTEINE        ? 'C3 H7 N O2 S'   121.158 
GLN 'L-peptide linking' y GLUTAMINE       ? 'C5 H10 N2 O3'   146.144 
GLU 'L-peptide linking' y 'GLUTAMIC ACID' ? 'C5 H9 N O4'     147.129 
HIS 'L-peptide linking' y HISTIDINE       ? 'C6 H10 N3 O2 1' 156.162 
LEU 'L-peptide linking' y LEUCINE         ? 'C6 H13 N O2'    131.173 
LYS 'L-peptide linking' y LYSINE          ? 'C6 H15 N2 O2 1' 147.195 
PRO 'L-peptide linking' y PROLINE         ? 'C5 H9 N O2'     115.130 
SER 'L-peptide linking' y SERINE          ? 'C3 H7 N O3'     105.093 
THR 'L-peptide linking' y THREONINE       ? 'C4 H9 N O3'     119.119 
TRP 'L-peptide linking' y TRYPTOPHAN      ? 'C11 H12 N2 O2'  204.225 
VAL 'L-peptide linking' y VALINE          ? 'C5 H11 N O2'    117.146 
# 
loop_
_pdbx_poly_seq_scheme.asym_id 
_pdbx_poly_seq_scheme.entity_id 
_pdbx_poly_seq_scheme.seq_id 
_pdbx_poly_seq_scheme.mon_id 
_pdbx_poly_seq_scheme.ndb_seq_num 
_pdbx_poly_seq_scheme.pdb_seq_num 
_pdbx_poly_seq_scheme.auth_seq_num 
_pdbx_poly_seq_scheme.pdb_mon_id 
_pdbx_poly_seq_scheme.auth_mon_id 
_pdbx_poly_seq_scheme.pdb_strand_id 
_pdbx_poly_seq_scheme.pdb_ins_code 
_pdbx_poly_seq_scheme.hetero 
A 1 1  VAL 1  1  1  VAL VAL A . n 
A 1 2  PRO 2  2  2  PRO PRO A . n 
A 1 3  GLU 3  3  3  GLU GLU A . n 
A 1 4  VAL 4  4  4  VAL VAL A . n 
A 1 5  ASP 5  5  5  ASP ASP A . n 
A 1 6  ASN 6  6  6  ASN ASN A . n 
A 1 7  PRO 7  7  7  PRO PRO A . n 
A 1 8  HIS 8  8  8  HIS HIS A . n 
A 1 9  CYS 9  9  9  CYS CYS A . n 
A 1 10 PRO 10 10 10 PRO PRO A . n 
A 1 11 ASN 11 11 11 ASN ASN A . n 
A 1 12 PRO 12 12 12 PRO PRO A . n 
A 1 13 TRP 13 13 13 TRP TRP A . n 
A 1 14 LEU 14 14 14 LEU LEU A . n 
A 1 15 ASN 15 15 15 ASN ASN A . n 
A 1 16 GLU 16 16 16 GLU GLU A . n 
A 1 17 ASP 17 17 17 ASP ASP A . n 
A 1 18 LEU 18 18 18 LEU LEU A . n 
A 1 19 VAL 19 19 19 VAL VAL A . n 
A 1 20 LYS 20 20 20 LYS LYS A . n 
A 1 21 SER 21 21 21 SER SER A . n 
A 1 22 LEU 22 22 22 LEU LEU A . n 
A 1 23 ARG 23 23 23 ARG ARG A . n 
A 1 24 GLU 24 24 24 GLU GLU A . n 
A 1 25 ASN 25 25 25 ASN ASN A . n 
A 1 26 LEU 26 26 26 LEU LEU A . n 
A 1 27 LEU 27 27 27 LEU LEU A . n 
A 1 28 GLN 28 28 28 GLN GLN A . n 
A 1 29 HIS 29 29 29 HIS HIS A . n 
A 1 30 GLU 30 30 30 GLU GLU A . n 
A 1 31 LYS 31 31 31 LYS LYS A . n 
A 1 32 SER 32 32 32 SER SER A . n 
A 1 33 LYS 33 33 33 LYS LYS A . n 
A 1 34 THR 34 34 34 THR THR A . n 
A 1 35 ALA 35 35 35 ALA ALA A . n 
A 1 36 ARG 36 36 36 ARG ARG A . n 
A 1 37 LYS 37 37 37 LYS LYS A . n 
A 1 38 SER 38 38 38 SER SER A . n 
# 
_cell.entry_id           1E9K 
_cell.length_a           1.000 
_cell.length_b           1.000 
_cell.length_c           1.000 
_cell.angle_alpha        90.00 
_cell.angle_beta         90.00 
_cell.angle_gamma        90.00 
_cell.Z_PDB              1 
_cell.pdbx_unique_axis   ? 
# 
_symmetry.entry_id                         1E9K 
_symmetry.space_group_name_H-M             'P 1' 
_symmetry.pdbx_full_space_group_name_H-M   ? 
_symmetry.cell_setting                     ? 
_symmetry.Int_Tables_number                1 
# 
_exptl.entry_id          1E9K 
_exptl.method            'SOLUTION NMR' 
_exptl.crystals_number   ? 
# 
_struct.entry_id                  1E9K 
_struct.title                     
;The structure of the RACK1 interaction sites located within the unique N-terminal region of the cAMP-specific phosphodiesterase, PDE4D5.
;
_struct.pdbx_model_details        ? 
_struct.pdbx_CASP_flag            ? 
_struct.pdbx_model_type_details   'MINIMIZED AVERAGE' 
# 
_struct_keywords.entry_id        1E9K 
_struct_keywords.pdbx_keywords   HYDROLASE 
_struct_keywords.text            'HYDROLASE, CAMP-SPECIFIC PHOSPHODIESTERASE' 
# 
_struct_asym.id                            A 
_struct_asym.pdbx_blank_PDB_chainid_flag   N 
_struct_asym.pdbx_modified                 N 
_struct_asym.entity_id                     1 
_struct_asym.details                       ? 
# 
_struct_ref.id                         1 
_struct_ref.db_name                    UNP 
_struct_ref.db_code                    PDE4D_HUMAN 
_struct_ref.pdbx_db_accession          Q08499 
_struct_ref.pdbx_db_isoform            Q08499-6 
_struct_ref.entity_id                  1 
_struct_ref.pdbx_seq_one_letter_code   VPEVDNPHCPNPWLNEDLVKSLRENLLQHEKSKTARKS 
_struct_ref.pdbx_align_begin           12 
# 
_struct_ref_seq.align_id                      1 
_struct_ref_seq.ref_id                        1 
_struct_ref_seq.pdbx_PDB_id_code              1E9K 
_struct_ref_seq.pdbx_strand_id                A 
_struct_ref_seq.seq_align_beg                 1 
_struct_ref_seq.pdbx_seq_align_beg_ins_code   ? 
_struct_ref_seq.seq_align_end                 38 
_struct_ref_seq.pdbx_seq_align_end_ins_code   ? 
_struct_ref_seq.pdbx_db_accession             Q08499 
_struct_ref_seq.db_align_beg                  12 
_struct_ref_seq.pdbx_db_align_beg_ins_code    ? 
_struct_ref_seq.db_align_end                  49 
_struct_ref_seq.pdbx_db_align_end_ins_code    ? 
_struct_ref_seq.pdbx_auth_seq_align_beg       1 
_struct_ref_seq.pdbx_auth_seq_align_end       38 
# 
_pdbx_struct_assembly.id                   1 
_pdbx_struct_assembly.details              author_defined_assembly 
_pdbx_struct_assembly.method_details       ? 
_pdbx_struct_assembly.oligomeric_details   monomeric 
_pdbx_struct_assembly.oligomeric_count     1 
# 
_pdbx_struct_assembly_gen.assembly_id       1 
_pdbx_struct_assembly_gen.oper_expression   1 
_pdbx_struct_assembly_gen.asym_id_list      A 
# 
_pdbx_struct_oper_list.id                   1 
_pdbx_struct_oper_list.type                 'identity operation' 
_pdbx_struct_oper_list.name                 1_555 
_pdbx_struct_oper_list.symmetry_operation   x,y,z 
_pdbx_struct_oper_list.matrix[1][1]         1.0000000000 
_pdbx_struct_oper_list.matrix[1][2]         0.0000000000 
_pdbx_struct_oper_list.matrix[1][3]         0.0000000000 
_pdbx_struct_oper_list.vector[1]            0.0000000000 
_pdbx_struct_oper_list.matrix[2][1]         0.0000000000 
_pdbx_struct_oper_list.matrix[2][2]         1.0000000000 
_pdbx_struct_oper_list.matrix[2][3]         0.0000000000 
_pdbx_struct_oper_list.vector[2]            0.0000000000 
_pdbx_struct_oper_list.matrix[3][1]         0.0000000000 
_pdbx_struct_oper_list.matrix[3][2]         0.0000000000 
_pdbx_struct_oper_list.matrix[3][3]         1.0000000000 
_pdbx_struct_oper_list.vector[3]            0.0000000000 
# 
loop_
_struct_conf.conf_type_id 
_struct_conf.id 
_struct_conf.pdbx_PDB_helix_id 
_struct_conf.beg_label_comp_id 
_struct_conf.beg_label_asym_id 
_struct_conf.beg_label_seq_id 
_struct_conf.pdbx_beg_PDB_ins_code 
_struct_conf.end_label_comp_id 
_struct_conf.end_label_asym_id 
_struct_conf.end_label_seq_id 
_struct_conf.pdbx_end_PDB_ins_code 
_struct_conf.beg_auth_comp_id 
_struct_conf.beg_auth_asym_id 
_struct_conf.beg_auth_seq_id 
_struct_conf.end_auth_comp_id 
_struct_conf.end_auth_asym_id 
_struct_conf.end_auth_seq_id 
_struct_conf.pdbx_PDB_helix_class 
_struct_conf.details 
_struct_conf.pdbx_PDB_helix_length 
HELX_P HELX_P1 1 ASN A 11 ? VAL A 19 ? ASN A 11 VAL A 19 1 ? 9 
HELX_P HELX_P2 2 GLN A 28 ? ARG A 36 ? GLN A 28 ARG A 36 1 ? 9 
# 
_struct_conf_type.id          HELX_P 
_struct_conf_type.criteria    ? 
_struct_conf_type.reference   ? 
# 
loop_
_pdbx_validate_close_contact.id 
_pdbx_validate_close_contact.PDB_model_num 
_pdbx_validate_close_contact.auth_atom_id_1 
_pdbx_validate_close_contact.auth_asym_id_1 
_pdbx_validate_close_contact.auth_comp_id_1 
_pdbx_validate_close_contact.auth_seq_id_1 
_pdbx_validate_close_contact.PDB_ins_code_1 
_pdbx_validate_close_contact.label_alt_id_1 
_pdbx_validate_close_contact.auth_atom_id_2 
_pdbx_validate_close_contact.auth_asym_id_2 
_pdbx_validate_close_contact.auth_comp_id_2 
_pdbx_validate_close_contact.auth_seq_id_2 
_pdbx_validate_close_contact.PDB_ins_code_2 
_pdbx_validate_close_contact.label_alt_id_2 
_pdbx_validate_close_contact.dist 
1 1 HD2 A PRO 12 ? ? H   A TRP 13 ? ? 1.29 
2 1 O   A PRO 10 ? ? HD3 A PRO 12 ? ? 1.29 
3 1 O   A SER 21 ? ? H   A ARG 23 ? ? 1.33 
4 1 O   A LYS 20 ? ? H   A GLU 24 ? ? 1.37 
5 1 O   A SER 32 ? ? H   A THR 34 ? ? 1.49 
6 1 O   A SER 21 ? ? OD1 A ASN 25 ? ? 2.15 
7 1 O   A PRO 10 ? ? CD  A PRO 12 ? ? 2.15 
8 1 O   A LYS 20 ? ? N   A GLU 24 ? ? 2.19 
# 
_pdbx_validate_rmsd_bond.id                        1 
_pdbx_validate_rmsd_bond.PDB_model_num             1 
_pdbx_validate_rmsd_bond.auth_atom_id_1            N 
_pdbx_validate_rmsd_bond.auth_asym_id_1            A 
_pdbx_validate_rmsd_bond.auth_comp_id_1            PRO 
_pdbx_validate_rmsd_bond.auth_seq_id_1             12 
_pdbx_validate_rmsd_bond.PDB_ins_code_1            ? 
_pdbx_validate_rmsd_bond.label_alt_id_1            ? 
_pdbx_validate_rmsd_bond.auth_atom_id_2            CA 
_pdbx_validate_rmsd_bond.auth_asym_id_2            A 
_pdbx_validate_rmsd_bond.auth_comp_id_2            PRO 
_pdbx_validate_rmsd_bond.auth_seq_id_2             12 
_pdbx_validate_rmsd_bond.PDB_ins_code_2            ? 
_pdbx_validate_rmsd_bond.label_alt_id_2            ? 
_pdbx_validate_rmsd_bond.bond_value                1.360 
_pdbx_validate_rmsd_bond.bond_target_value         1.468 
_pdbx_validate_rmsd_bond.bond_deviation            -0.108 
_pdbx_validate_rmsd_bond.bond_standard_deviation   0.017 
_pdbx_validate_rmsd_bond.linker_flag               N 
# 
loop_
_pdbx_validate_rmsd_angle.id 
_pdbx_validate_rmsd_angle.PDB_model_num 
_pdbx_validate_rmsd_angle.auth_atom_id_1 
_pdbx_validate_rmsd_angle.auth_asym_id_1 
_pdbx_validate_rmsd_angle.auth_comp_id_1 
_pdbx_validate_rmsd_angle.auth_seq_id_1 
_pdbx_validate_rmsd_angle.PDB_ins_code_1 
_pdbx_validate_rmsd_angle.label_alt_id_1 
_pdbx_validate_rmsd_angle.auth_atom_id_2 
_pdbx_validate_rmsd_angle.auth_asym_id_2 
_pdbx_validate_rmsd_angle.auth_comp_id_2 
_pdbx_validate_rmsd_angle.auth_seq_id_2 
_pdbx_validate_rmsd_angle.PDB_ins_code_2 
_pdbx_validate_rmsd_angle.label_alt_id_2 
_pdbx_validate_rmsd_angle.auth_atom_id_3 
_pdbx_validate_rmsd_angle.auth_asym_id_3 
_pdbx_validate_rmsd_angle.auth_comp_id_3 
_pdbx_validate_rmsd_angle.auth_seq_id_3 
_pdbx_validate_rmsd_angle.PDB_ins_code_3 
_pdbx_validate_rmsd_angle.label_alt_id_3 
_pdbx_validate_rmsd_angle.angle_value 
_pdbx_validate_rmsd_angle.angle_target_value 
_pdbx_validate_rmsd_angle.angle_deviation 
_pdbx_validate_rmsd_angle.angle_standard_deviation 
_pdbx_validate_rmsd_angle.linker_flag 
1 1 CB  A ASN 11 ? ? CA  A ASN 11 ? ? C   A ASN 11 ? ? 125.16 110.40 14.76  2.00 N 
2 1 NE1 A TRP 13 ? ? CE2 A TRP 13 ? ? CZ2 A TRP 13 ? ? 137.11 130.40 6.71   1.10 N 
3 1 CG  A TRP 13 ? ? CD2 A TRP 13 ? ? CE3 A TRP 13 ? ? 127.45 133.90 -6.45  0.90 N 
4 1 N   A LYS 20 ? ? CA  A LYS 20 ? ? CB  A LYS 20 ? ? 99.55  110.60 -11.05 1.80 N 
# 
loop_
_pdbx_validate_torsion.id 
_pdbx_validate_torsion.PDB_model_num 
_pdbx_validate_torsion.auth_comp_id 
_pdbx_validate_torsion.auth_asym_id 
_pdbx_validate_torsion.auth_seq_id 
_pdbx_validate_torsion.PDB_ins_code 
_pdbx_validate_torsion.label_alt_id 
_pdbx_validate_torsion.phi 
_pdbx_validate_torsion.psi 
1  1 GLU A 3  ? ? -175.33 38.51  
2  1 VAL A 4  ? ? -61.90  -72.51 
3  1 ASP A 5  ? ? -161.36 45.69  
4  1 ASN A 6  ? ? -152.30 85.77  
5  1 HIS A 8  ? ? -177.06 -33.52 
6  1 PRO A 10 ? ? -67.30  -83.60 
7  1 ASN A 11 ? ? -118.66 79.51  
8  1 LEU A 18 ? ? -161.64 21.02  
9  1 LEU A 22 ? ? -57.44  39.71  
10 1 ARG A 23 ? ? -170.60 -63.62 
11 1 GLU A 24 ? ? -77.10  39.73  
12 1 LEU A 27 ? ? -148.67 16.04  
13 1 LYS A 31 ? ? -33.01  -39.03 
14 1 SER A 32 ? ? -73.76  -82.70 
15 1 LYS A 33 ? ? -69.36  49.78  
16 1 THR A 34 ? ? -178.57 -30.28 
17 1 ARG A 36 ? ? -142.82 -0.23  
18 1 LYS A 37 ? ? -104.81 -96.31 
# 
loop_
_pdbx_validate_planes.id 
_pdbx_validate_planes.PDB_model_num 
_pdbx_validate_planes.auth_comp_id 
_pdbx_validate_planes.auth_asym_id 
_pdbx_validate_planes.auth_seq_id 
_pdbx_validate_planes.PDB_ins_code 
_pdbx_validate_planes.label_alt_id 
_pdbx_validate_planes.rmsd 
_pdbx_validate_planes.type 
1 1 ARG A 23 ? ? 0.312 'SIDE CHAIN' 
2 1 ARG A 36 ? ? 0.294 'SIDE CHAIN' 
# 
_pdbx_nmr_ensemble.entry_id                             1E9K 
_pdbx_nmr_ensemble.conformers_calculated_total_number   50 
_pdbx_nmr_ensemble.conformers_submitted_total_number    1 
_pdbx_nmr_ensemble.conformer_selection_criteria         ? 
# 
_pdbx_nmr_exptl_sample_conditions.conditions_id          1 
_pdbx_nmr_exptl_sample_conditions.temperature            293 
_pdbx_nmr_exptl_sample_conditions.pressure_units         ? 
_pdbx_nmr_exptl_sample_conditions.pressure               ? 
_pdbx_nmr_exptl_sample_conditions.pH                     5.8 
_pdbx_nmr_exptl_sample_conditions.ionic_strength         ? 
_pdbx_nmr_exptl_sample_conditions.ionic_strength_units   ? 
_pdbx_nmr_exptl_sample_conditions.pH_units               pH 
_pdbx_nmr_exptl_sample_conditions.temperature_units      K 
_pdbx_nmr_exptl_sample_conditions.label                  ? 
# 
loop_
_pdbx_nmr_exptl.experiment_id 
_pdbx_nmr_exptl.conditions_id 
_pdbx_nmr_exptl.type 
_pdbx_nmr_exptl.solution_id 
1 1 NOESY 1 
2 1 COSY  1 
3 1 TOCSY 1 
# 
_pdbx_nmr_details.entry_id   1E9K 
_pdbx_nmr_details.text       'MEAN STRUCTURE' 
# 
_pdbx_nmr_refine.entry_id           1E9K 
_pdbx_nmr_refine.method             'simulated annealing' 
_pdbx_nmr_refine.details            'REFINEMENT DETAILS CAN BE FOUND IN THE JRNL CITATION ABOVE' 
_pdbx_nmr_refine.software_ordinal   1 
# 
loop_
_pdbx_nmr_software.classification 
_pdbx_nmr_software.name 
_pdbx_nmr_software.version 
_pdbx_nmr_software.authors 
_pdbx_nmr_software.ordinal 
refinement           X-PLOR 3.8 BRUNGER 1 
'structure solution' X-PLOR ?   ?       2 
# 
loop_
_chem_comp_atom.comp_id 
_chem_comp_atom.atom_id 
_chem_comp_atom.type_symbol 
_chem_comp_atom.pdbx_aromatic_flag 
_chem_comp_atom.pdbx_stereo_config 
_chem_comp_atom.pdbx_ordinal 
ALA N    N N N 1   
ALA CA   C N S 2   
ALA C    C N N 3   
ALA O    O N N 4   
ALA CB   C N N 5   
ALA OXT  O N N 6   
ALA H    H N N 7   
ALA H2   H N N 8   
ALA HA   H N N 9   
ALA HB1  H N N 10  
ALA HB2  H N N 11  
ALA HB3  H N N 12  
ALA HXT  H N N 13  
ARG N    N N N 14  
ARG CA   C N S 15  
ARG C    C N N 16  
ARG O    O N N 17  
ARG CB   C N N 18  
ARG CG   C N N 19  
ARG CD   C N N 20  
ARG NE   N N N 21  
ARG CZ   C N N 22  
ARG NH1  N N N 23  
ARG NH2  N N N 24  
ARG OXT  O N N 25  
ARG H    H N N 26  
ARG H2   H N N 27  
ARG HA   H N N 28  
ARG HB2  H N N 29  
ARG HB3  H N N 30  
ARG HG2  H N N 31  
ARG HG3  H N N 32  
ARG HD2  H N N 33  
ARG HD3  H N N 34  
ARG HE   H N N 35  
ARG HH11 H N N 36  
ARG HH12 H N N 37  
ARG HH21 H N N 38  
ARG HH22 H N N 39  
ARG HXT  H N N 40  
ASN N    N N N 41  
ASN CA   C N S 42  
ASN C    C N N 43  
ASN O    O N N 44  
ASN CB   C N N 45  
ASN CG   C N N 46  
ASN OD1  O N N 47  
ASN ND2  N N N 48  
ASN OXT  O N N 49  
ASN H    H N N 50  
ASN H2   H N N 51  
ASN HA   H N N 52  
ASN HB2  H N N 53  
ASN HB3  H N N 54  
ASN HD21 H N N 55  
ASN HD22 H N N 56  
ASN HXT  H N N 57  
ASP N    N N N 58  
ASP CA   C N S 59  
ASP C    C N N 60  
ASP O    O N N 61  
ASP CB   C N N 62  
ASP CG   C N N 63  
ASP OD1  O N N 64  
ASP OD2  O N N 65  
ASP OXT  O N N 66  
ASP H    H N N 67  
ASP H2   H N N 68  
ASP HA   H N N 69  
ASP HB2  H N N 70  
ASP HB3  H N N 71  
ASP HD2  H N N 72  
ASP HXT  H N N 73  
CYS N    N N N 74  
CYS CA   C N R 75  
CYS C    C N N 76  
CYS O    O N N 77  
CYS CB   C N N 78  
CYS SG   S N N 79  
CYS OXT  O N N 80  
CYS H    H N N 81  
CYS H2   H N N 82  
CYS HA   H N N 83  
CYS HB2  H N N 84  
CYS HB3  H N N 85  
CYS HG   H N N 86  
CYS HXT  H N N 87  
GLN N    N N N 88  
GLN CA   C N S 89  
GLN C    C N N 90  
GLN O    O N N 91  
GLN CB   C N N 92  
GLN CG   C N N 93  
GLN CD   C N N 94  
GLN OE1  O N N 95  
GLN NE2  N N N 96  
GLN OXT  O N N 97  
GLN H    H N N 98  
GLN H2   H N N 99  
GLN HA   H N N 100 
GLN HB2  H N N 101 
GLN HB3  H N N 102 
GLN HG2  H N N 103 
GLN HG3  H N N 104 
GLN HE21 H N N 105 
GLN HE22 H N N 106 
GLN HXT  H N N 107 
GLU N    N N N 108 
GLU CA   C N S 109 
GLU C    C N N 110 
GLU O    O N N 111 
GLU CB   C N N 112 
GLU CG   C N N 113 
GLU CD   C N N 114 
GLU OE1  O N N 115 
GLU OE2  O N N 116 
GLU OXT  O N N 117 
GLU H    H N N 118 
GLU H2   H N N 119 
GLU HA   H N N 120 
GLU HB2  H N N 121 
GLU HB3  H N N 122 
GLU HG2  H N N 123 
GLU HG3  H N N 124 
GLU HE2  H N N 125 
GLU HXT  H N N 126 
HIS N    N N N 127 
HIS CA   C N S 128 
HIS C    C N N 129 
HIS O    O N N 130 
HIS CB   C N N 131 
HIS CG   C Y N 132 
HIS ND1  N Y N 133 
HIS CD2  C Y N 134 
HIS CE1  C Y N 135 
HIS NE2  N Y N 136 
HIS OXT  O N N 137 
HIS H    H N N 138 
HIS H2   H N N 139 
HIS HA   H N N 140 
HIS HB2  H N N 141 
HIS HB3  H N N 142 
HIS HD1  H N N 143 
HIS HD2  H N N 144 
HIS HE1  H N N 145 
HIS HE2  H N N 146 
HIS HXT  H N N 147 
LEU N    N N N 148 
LEU CA   C N S 149 
LEU C    C N N 150 
LEU O    O N N 151 
LEU CB   C N N 152 
LEU CG   C N N 153 
LEU CD1  C N N 154 
LEU CD2  C N N 155 
LEU OXT  O N N 156 
LEU H    H N N 157 
LEU H2   H N N 158 
LEU HA   H N N 159 
LEU HB2  H N N 160 
LEU HB3  H N N 161 
LEU HG   H N N 162 
LEU HD11 H N N 163 
LEU HD12 H N N 164 
LEU HD13 H N N 165 
LEU HD21 H N N 166 
LEU HD22 H N N 167 
LEU HD23 H N N 168 
LEU HXT  H N N 169 
LYS N    N N N 170 
LYS CA   C N S 171 
LYS C    C N N 172 
LYS O    O N N 173 
LYS CB   C N N 174 
LYS CG   C N N 175 
LYS CD   C N N 176 
LYS CE   C N N 177 
LYS NZ   N N N 178 
LYS OXT  O N N 179 
LYS H    H N N 180 
LYS H2   H N N 181 
LYS HA   H N N 182 
LYS HB2  H N N 183 
LYS HB3  H N N 184 
LYS HG2  H N N 185 
LYS HG3  H N N 186 
LYS HD2  H N N 187 
LYS HD3  H N N 188 
LYS HE2  H N N 189 
LYS HE3  H N N 190 
LYS HZ1  H N N 191 
LYS HZ2  H N N 192 
LYS HZ3  H N N 193 
LYS HXT  H N N 194 
PRO N    N N N 195 
PRO CA   C N S 196 
PRO C    C N N 197 
PRO O    O N N 198 
PRO CB   C N N 199 
PRO CG   C N N 200 
PRO CD   C N N 201 
PRO OXT  O N N 202 
PRO H    H N N 203 
PRO HA   H N N 204 
PRO HB2  H N N 205 
PRO HB3  H N N 206 
PRO HG2  H N N 207 
PRO HG3  H N N 208 
PRO HD2  H N N 209 
PRO HD3  H N N 210 
PRO HXT  H N N 211 
SER N    N N N 212 
SER CA   C N S 213 
SER C    C N N 214 
SER O    O N N 215 
SER CB   C N N 216 
SER OG   O N N 217 
SER OXT  O N N 218 
SER H    H N N 219 
SER H2   H N N 220 
SER HA   H N N 221 
SER HB2  H N N 222 
SER HB3  H N N 223 
SER HG   H N N 224 
SER HXT  H N N 225 
THR N    N N N 226 
THR CA   C N S 227 
THR C    C N N 228 
THR O    O N N 229 
THR CB   C N R 230 
THR OG1  O N N 231 
THR CG2  C N N 232 
THR OXT  O N N 233 
THR H    H N N 234 
THR H2   H N N 235 
THR HA   H N N 236 
THR HB   H N N 237 
THR HG1  H N N 238 
THR HG21 H N N 239 
THR HG22 H N N 240 
THR HG23 H N N 241 
THR HXT  H N N 242 
TRP N    N N N 243 
TRP CA   C N S 244 
TRP C    C N N 245 
TRP O    O N N 246 
TRP CB   C N N 247 
TRP CG   C Y N 248 
TRP CD1  C Y N 249 
TRP CD2  C Y N 250 
TRP NE1  N Y N 251 
TRP CE2  C Y N 252 
TRP CE3  C Y N 253 
TRP CZ2  C Y N 254 
TRP CZ3  C Y N 255 
TRP CH2  C Y N 256 
TRP OXT  O N N 257 
TRP H    H N N 258 
TRP H2   H N N 259 
TRP HA   H N N 260 
TRP HB2  H N N 261 
TRP HB3  H N N 262 
TRP HD1  H N N 263 
TRP HE1  H N N 264 
TRP HE3  H N N 265 
TRP HZ2  H N N 266 
TRP HZ3  H N N 267 
TRP HH2  H N N 268 
TRP HXT  H N N 269 
VAL N    N N N 270 
VAL CA   C N S 271 
VAL C    C N N 272 
VAL O    O N N 273 
VAL CB   C N N 274 
VAL CG1  C N N 275 
VAL CG2  C N N 276 
VAL OXT  O N N 277 
VAL H    H N N 278 
VAL H2   H N N 279 
VAL HA   H N N 280 
VAL HB   H N N 281 
VAL HG11 H N N 282 
VAL HG12 H N N 283 
VAL HG13 H N N 284 
VAL HG21 H N N 285 
VAL HG22 H N N 286 
VAL HG23 H N N 287 
VAL HXT  H N N 288 
# 
loop_
_chem_comp_bond.comp_id 
_chem_comp_bond.atom_id_1 
_chem_comp_bond.atom_id_2 
_chem_comp_bond.value_order 
_chem_comp_bond.pdbx_aromatic_flag 
_chem_comp_bond.pdbx_stereo_config 
_chem_comp_bond.pdbx_ordinal 
ALA N   CA   sing N N 1   
ALA N   H    sing N N 2   
ALA N   H2   sing N N 3   
ALA CA  C    sing N N 4   
ALA CA  CB   sing N N 5   
ALA CA  HA   sing N N 6   
ALA C   O    doub N N 7   
ALA C   OXT  sing N N 8   
ALA CB  HB1  sing N N 9   
ALA CB  HB2  sing N N 10  
ALA CB  HB3  sing N N 11  
ALA OXT HXT  sing N N 12  
ARG N   CA   sing N N 13  
ARG N   H    sing N N 14  
ARG N   H2   sing N N 15  
ARG CA  C    sing N N 16  
ARG CA  CB   sing N N 17  
ARG CA  HA   sing N N 18  
ARG C   O    doub N N 19  
ARG C   OXT  sing N N 20  
ARG CB  CG   sing N N 21  
ARG CB  HB2  sing N N 22  
ARG CB  HB3  sing N N 23  
ARG CG  CD   sing N N 24  
ARG CG  HG2  sing N N 25  
ARG CG  HG3  sing N N 26  
ARG CD  NE   sing N N 27  
ARG CD  HD2  sing N N 28  
ARG CD  HD3  sing N N 29  
ARG NE  CZ   sing N N 30  
ARG NE  HE   sing N N 31  
ARG CZ  NH1  sing N N 32  
ARG CZ  NH2  doub N N 33  
ARG NH1 HH11 sing N N 34  
ARG NH1 HH12 sing N N 35  
ARG NH2 HH21 sing N N 36  
ARG NH2 HH22 sing N N 37  
ARG OXT HXT  sing N N 38  
ASN N   CA   sing N N 39  
ASN N   H    sing N N 40  
ASN N   H2   sing N N 41  
ASN CA  C    sing N N 42  
ASN CA  CB   sing N N 43  
ASN CA  HA   sing N N 44  
ASN C   O    doub N N 45  
ASN C   OXT  sing N N 46  
ASN CB  CG   sing N N 47  
ASN CB  HB2  sing N N 48  
ASN CB  HB3  sing N N 49  
ASN CG  OD1  doub N N 50  
ASN CG  ND2  sing N N 51  
ASN ND2 HD21 sing N N 52  
ASN ND2 HD22 sing N N 53  
ASN OXT HXT  sing N N 54  
ASP N   CA   sing N N 55  
ASP N   H    sing N N 56  
ASP N   H2   sing N N 57  
ASP CA  C    sing N N 58  
ASP CA  CB   sing N N 59  
ASP CA  HA   sing N N 60  
ASP C   O    doub N N 61  
ASP C   OXT  sing N N 62  
ASP CB  CG   sing N N 63  
ASP CB  HB2  sing N N 64  
ASP CB  HB3  sing N N 65  
ASP CG  OD1  doub N N 66  
ASP CG  OD2  sing N N 67  
ASP OD2 HD2  sing N N 68  
ASP OXT HXT  sing N N 69  
CYS N   CA   sing N N 70  
CYS N   H    sing N N 71  
CYS N   H2   sing N N 72  
CYS CA  C    sing N N 73  
CYS CA  CB   sing N N 74  
CYS CA  HA   sing N N 75  
CYS C   O    doub N N 76  
CYS C   OXT  sing N N 77  
CYS CB  SG   sing N N 78  
CYS CB  HB2  sing N N 79  
CYS CB  HB3  sing N N 80  
CYS SG  HG   sing N N 81  
CYS OXT HXT  sing N N 82  
GLN N   CA   sing N N 83  
GLN N   H    sing N N 84  
GLN N   H2   sing N N 85  
GLN CA  C    sing N N 86  
GLN CA  CB   sing N N 87  
GLN CA  HA   sing N N 88  
GLN C   O    doub N N 89  
GLN C   OXT  sing N N 90  
GLN CB  CG   sing N N 91  
GLN CB  HB2  sing N N 92  
GLN CB  HB3  sing N N 93  
GLN CG  CD   sing N N 94  
GLN CG  HG2  sing N N 95  
GLN CG  HG3  sing N N 96  
GLN CD  OE1  doub N N 97  
GLN CD  NE2  sing N N 98  
GLN NE2 HE21 sing N N 99  
GLN NE2 HE22 sing N N 100 
GLN OXT HXT  sing N N 101 
GLU N   CA   sing N N 102 
GLU N   H    sing N N 103 
GLU N   H2   sing N N 104 
GLU CA  C    sing N N 105 
GLU CA  CB   sing N N 106 
GLU CA  HA   sing N N 107 
GLU C   O    doub N N 108 
GLU C   OXT  sing N N 109 
GLU CB  CG   sing N N 110 
GLU CB  HB2  sing N N 111 
GLU CB  HB3  sing N N 112 
GLU CG  CD   sing N N 113 
GLU CG  HG2  sing N N 114 
GLU CG  HG3  sing N N 115 
GLU CD  OE1  doub N N 116 
GLU CD  OE2  sing N N 117 
GLU OE2 HE2  sing N N 118 
GLU OXT HXT  sing N N 119 
HIS N   CA   sing N N 120 
HIS N   H    sing N N 121 
HIS N   H2   sing N N 122 
HIS CA  C    sing N N 123 
HIS CA  CB   sing N N 124 
HIS CA  HA   sing N N 125 
HIS C   O    doub N N 126 
HIS C   OXT  sing N N 127 
HIS CB  CG   sing N N 128 
HIS CB  HB2  sing N N 129 
HIS CB  HB3  sing N N 130 
HIS CG  ND1  sing Y N 131 
HIS CG  CD2  doub Y N 132 
HIS ND1 CE1  doub Y N 133 
HIS ND1 HD1  sing N N 134 
HIS CD2 NE2  sing Y N 135 
HIS CD2 HD2  sing N N 136 
HIS CE1 NE2  sing Y N 137 
HIS CE1 HE1  sing N N 138 
HIS NE2 HE2  sing N N 139 
HIS OXT HXT  sing N N 140 
LEU N   CA   sing N N 141 
LEU N   H    sing N N 142 
LEU N   H2   sing N N 143 
LEU CA  C    sing N N 144 
LEU CA  CB   sing N N 145 
LEU CA  HA   sing N N 146 
LEU C   O    doub N N 147 
LEU C   OXT  sing N N 148 
LEU CB  CG   sing N N 149 
LEU CB  HB2  sing N N 150 
LEU CB  HB3  sing N N 151 
LEU CG  CD1  sing N N 152 
LEU CG  CD2  sing N N 153 
LEU CG  HG   sing N N 154 
LEU CD1 HD11 sing N N 155 
LEU CD1 HD12 sing N N 156 
LEU CD1 HD13 sing N N 157 
LEU CD2 HD21 sing N N 158 
LEU CD2 HD22 sing N N 159 
LEU CD2 HD23 sing N N 160 
LEU OXT HXT  sing N N 161 
LYS N   CA   sing N N 162 
LYS N   H    sing N N 163 
LYS N   H2   sing N N 164 
LYS CA  C    sing N N 165 
LYS CA  CB   sing N N 166 
LYS CA  HA   sing N N 167 
LYS C   O    doub N N 168 
LYS C   OXT  sing N N 169 
LYS CB  CG   sing N N 170 
LYS CB  HB2  sing N N 171 
LYS CB  HB3  sing N N 172 
LYS CG  CD   sing N N 173 
LYS CG  HG2  sing N N 174 
LYS CG  HG3  sing N N 175 
LYS CD  CE   sing N N 176 
LYS CD  HD2  sing N N 177 
LYS CD  HD3  sing N N 178 
LYS CE  NZ   sing N N 179 
LYS CE  HE2  sing N N 180 
LYS CE  HE3  sing N N 181 
LYS NZ  HZ1  sing N N 182 
LYS NZ  HZ2  sing N N 183 
LYS NZ  HZ3  sing N N 184 
LYS OXT HXT  sing N N 185 
PRO N   CA   sing N N 186 
PRO N   CD   sing N N 187 
PRO N   H    sing N N 188 
PRO CA  C    sing N N 189 
PRO CA  CB   sing N N 190 
PRO CA  HA   sing N N 191 
PRO C   O    doub N N 192 
PRO C   OXT  sing N N 193 
PRO CB  CG   sing N N 194 
PRO CB  HB2  sing N N 195 
PRO CB  HB3  sing N N 196 
PRO CG  CD   sing N N 197 
PRO CG  HG2  sing N N 198 
PRO CG  HG3  sing N N 199 
PRO CD  HD2  sing N N 200 
PRO CD  HD3  sing N N 201 
PRO OXT HXT  sing N N 202 
SER N   CA   sing N N 203 
SER N   H    sing N N 204 
SER N   H2   sing N N 205 
SER CA  C    sing N N 206 
SER CA  CB   sing N N 207 
SER CA  HA   sing N N 208 
SER C   O    doub N N 209 
SER C   OXT  sing N N 210 
SER CB  OG   sing N N 211 
SER CB  HB2  sing N N 212 
SER CB  HB3  sing N N 213 
SER OG  HG   sing N N 214 
SER OXT HXT  sing N N 215 
THR N   CA   sing N N 216 
THR N   H    sing N N 217 
THR N   H2   sing N N 218 
THR CA  C    sing N N 219 
THR CA  CB   sing N N 220 
THR CA  HA   sing N N 221 
THR C   O    doub N N 222 
THR C   OXT  sing N N 223 
THR CB  OG1  sing N N 224 
THR CB  CG2  sing N N 225 
THR CB  HB   sing N N 226 
THR OG1 HG1  sing N N 227 
THR CG2 HG21 sing N N 228 
THR CG2 HG22 sing N N 229 
THR CG2 HG23 sing N N 230 
THR OXT HXT  sing N N 231 
TRP N   CA   sing N N 232 
TRP N   H    sing N N 233 
TRP N   H2   sing N N 234 
TRP CA  C    sing N N 235 
TRP CA  CB   sing N N 236 
TRP CA  HA   sing N N 237 
TRP C   O    doub N N 238 
TRP C   OXT  sing N N 239 
TRP CB  CG   sing N N 240 
TRP CB  HB2  sing N N 241 
TRP CB  HB3  sing N N 242 
TRP CG  CD1  doub Y N 243 
TRP CG  CD2  sing Y N 244 
TRP CD1 NE1  sing Y N 245 
TRP CD1 HD1  sing N N 246 
TRP CD2 CE2  doub Y N 247 
TRP CD2 CE3  sing Y N 248 
TRP NE1 CE2  sing Y N 249 
TRP NE1 HE1  sing N N 250 
TRP CE2 CZ2  sing Y N 251 
TRP CE3 CZ3  doub Y N 252 
TRP CE3 HE3  sing N N 253 
TRP CZ2 CH2  doub Y N 254 
TRP CZ2 HZ2  sing N N 255 
TRP CZ3 CH2  sing Y N 256 
TRP CZ3 HZ3  sing N N 257 
TRP CH2 HH2  sing N N 258 
TRP OXT HXT  sing N N 259 
VAL N   CA   sing N N 260 
VAL N   H    sing N N 261 
VAL N   H2   sing N N 262 
VAL CA  C    sing N N 263 
VAL CA  CB   sing N N 264 
VAL CA  HA   sing N N 265 
VAL C   O    doub N N 266 
VAL C   OXT  sing N N 267 
VAL CB  CG1  sing N N 268 
VAL CB  CG2  sing N N 269 
VAL CB  HB   sing N N 270 
VAL CG1 HG11 sing N N 271 
VAL CG1 HG12 sing N N 272 
VAL CG1 HG13 sing N N 273 
VAL CG2 HG21 sing N N 274 
VAL CG2 HG22 sing N N 275 
VAL CG2 HG23 sing N N 276 
VAL OXT HXT  sing N N 277 
# 
loop_
_pdbx_nmr_spectrometer.spectrometer_id 
_pdbx_nmr_spectrometer.model 
_pdbx_nmr_spectrometer.manufacturer 
_pdbx_nmr_spectrometer.field_strength 
_pdbx_nmr_spectrometer.type 
1 AMX       Bruker 500 ? 
2 UNITYPLUS Varian 600 ? 
# 
_atom_sites.entry_id                    1E9K 
_atom_sites.fract_transf_matrix[1][1]   1.000000 
_atom_sites.fract_transf_matrix[1][2]   0.000000 
_atom_sites.fract_transf_matrix[1][3]   0.000000 
_atom_sites.fract_transf_matrix[2][1]   0.000000 
_atom_sites.fract_transf_matrix[2][2]   1.000000 
_atom_sites.fract_transf_matrix[2][3]   0.000000 
_atom_sites.fract_transf_matrix[3][1]   0.000000 
_atom_sites.fract_transf_matrix[3][2]   0.000000 
_atom_sites.fract_transf_matrix[3][3]   1.000000 
_atom_sites.fract_transf_vector[1]      0.00000 
_atom_sites.fract_transf_vector[2]      0.00000 
_atom_sites.fract_transf_vector[3]      0.00000 
# 
loop_
_atom_type.symbol 
C 
H 
N 
O 
S 
# 
loop_
_atom_site.group_PDB 
_atom_site.id 
_atom_site.type_symbol 
_atom_site.label_atom_id 
_atom_site.label_alt_id 
_atom_site.label_comp_id 
_atom_site.label_asym_id 
_atom_site.label_entity_id 
_atom_site.label_seq_id 
_atom_site.pdbx_PDB_ins_code 
_atom_site.Cartn_x 
_atom_site.Cartn_y 
_atom_site.Cartn_z 
_atom_site.occupancy 
_atom_site.B_iso_or_equiv 
_atom_site.pdbx_formal_charge 
_atom_site.auth_seq_id 
_atom_site.auth_comp_id 
_atom_site.auth_asym_id 
_atom_site.auth_atom_id 
_atom_site.pdbx_PDB_model_num 
ATOM 1   N N    . VAL A 1 1  ? -20.970 -8.773  17.000  1.00 0.00 ? 1  VAL A N    1 
ATOM 2   C CA   . VAL A 1 1  ? -19.949 -7.709  17.218  1.00 0.00 ? 1  VAL A CA   1 
ATOM 3   C C    . VAL A 1 1  ? -19.038 -7.596  15.990  1.00 0.00 ? 1  VAL A C    1 
ATOM 4   O O    . VAL A 1 1  ? -18.788 -8.582  15.323  1.00 0.00 ? 1  VAL A O    1 
ATOM 5   C CB   . VAL A 1 1  ? -19.155 -8.169  18.442  1.00 0.00 ? 1  VAL A CB   1 
ATOM 6   C CG1  . VAL A 1 1  ? -18.218 -9.314  18.051  1.00 0.00 ? 1  VAL A CG1  1 
ATOM 7   C CG2  . VAL A 1 1  ? -18.330 -7.000  18.984  1.00 0.00 ? 1  VAL A CG2  1 
ATOM 8   H H1   . VAL A 1 1  ? -20.515 -9.612  16.589  1.00 0.00 ? 1  VAL A H1   1 
ATOM 9   H H2   . VAL A 1 1  ? -21.403 -9.027  17.909  1.00 0.00 ? 1  VAL A H2   1 
ATOM 10  H H3   . VAL A 1 1  ? -21.703 -8.421  16.351  1.00 0.00 ? 1  VAL A H3   1 
ATOM 11  H HA   . VAL A 1 1  ? -20.429 -6.768  17.424  1.00 0.00 ? 1  VAL A HA   1 
ATOM 12  H HB   . VAL A 1 1  ? -19.839 -8.512  19.204  1.00 0.00 ? 1  VAL A HB   1 
ATOM 13  H HG11 . VAL A 1 1  ? -17.594 -9.004  17.228  1.00 0.00 ? 1  VAL A HG11 1 
ATOM 14  H HG12 . VAL A 1 1  ? -17.598 -9.575  18.896  1.00 0.00 ? 1  VAL A HG12 1 
ATOM 15  H HG13 . VAL A 1 1  ? -18.803 -10.172 17.755  1.00 0.00 ? 1  VAL A HG13 1 
ATOM 16  H HG21 . VAL A 1 1  ? -17.713 -6.599  18.195  1.00 0.00 ? 1  VAL A HG21 1 
ATOM 17  H HG22 . VAL A 1 1  ? -18.994 -6.231  19.350  1.00 0.00 ? 1  VAL A HG22 1 
ATOM 18  H HG23 . VAL A 1 1  ? -17.701 -7.347  19.791  1.00 0.00 ? 1  VAL A HG23 1 
ATOM 19  N N    . PRO A 1 2  ? -18.585 -6.390  15.726  1.00 0.00 ? 2  PRO A N    1 
ATOM 20  C CA   . PRO A 1 2  ? -17.698 -6.119  14.576  1.00 0.00 ? 2  PRO A CA   1 
ATOM 21  C C    . PRO A 1 2  ? -16.231 -6.103  15.022  1.00 0.00 ? 2  PRO A C    1 
ATOM 22  O O    . PRO A 1 2  ? -15.778 -5.169  15.654  1.00 0.00 ? 2  PRO A O    1 
ATOM 23  C CB   . PRO A 1 2  ? -18.131 -4.719  14.157  1.00 0.00 ? 2  PRO A CB   1 
ATOM 24  C CG   . PRO A 1 2  ? -18.714 -4.086  15.396  1.00 0.00 ? 2  PRO A CG   1 
ATOM 25  C CD   . PRO A 1 2  ? -18.856 -5.159  16.455  1.00 0.00 ? 2  PRO A CD   1 
ATOM 26  H HA   . PRO A 1 2  ? -17.863 -6.820  13.777  1.00 0.00 ? 2  PRO A HA   1 
ATOM 27  H HB2  . PRO A 1 2  ? -17.278 -4.153  13.811  1.00 0.00 ? 2  PRO A HB2  1 
ATOM 28  H HB3  . PRO A 1 2  ? -18.884 -4.774  13.386  1.00 0.00 ? 2  PRO A HB3  1 
ATOM 29  H HG2  . PRO A 1 2  ? -18.054 -3.306  15.751  1.00 0.00 ? 2  PRO A HG2  1 
ATOM 30  H HG3  . PRO A 1 2  ? -19.684 -3.669  15.172  1.00 0.00 ? 2  PRO A HG3  1 
ATOM 31  H HD2  . PRO A 1 2  ? -18.130 -5.012  17.244  1.00 0.00 ? 2  PRO A HD2  1 
ATOM 32  H HD3  . PRO A 1 2  ? -19.854 -5.170  16.852  1.00 0.00 ? 2  PRO A HD3  1 
ATOM 33  N N    . GLU A 1 3  ? -15.485 -7.124  14.707  1.00 0.00 ? 3  GLU A N    1 
ATOM 34  C CA   . GLU A 1 3  ? -14.051 -7.160  15.123  1.00 0.00 ? 3  GLU A CA   1 
ATOM 35  C C    . GLU A 1 3  ? -13.370 -8.398  14.536  1.00 0.00 ? 3  GLU A C    1 
ATOM 36  O O    . GLU A 1 3  ? -12.552 -9.029  15.173  1.00 0.00 ? 3  GLU A O    1 
ATOM 37  C CB   . GLU A 1 3  ? -14.036 -7.211  16.667  1.00 0.00 ? 3  GLU A CB   1 
ATOM 38  C CG   . GLU A 1 3  ? -15.417 -7.589  17.232  1.00 0.00 ? 3  GLU A CG   1 
ATOM 39  C CD   . GLU A 1 3  ? -15.245 -8.302  18.574  1.00 0.00 ? 3  GLU A CD   1 
ATOM 40  O OE1  . GLU A 1 3  ? -15.201 -7.620  19.586  1.00 0.00 ? 3  GLU A OE1  1 
ATOM 41  O OE2  . GLU A 1 3  ? -15.165 -9.520  18.570  1.00 0.00 ? 3  GLU A OE2  1 
ATOM 42  H H    . GLU A 1 3  ? -15.867 -7.872  14.200  1.00 0.00 ? 3  GLU A H    1 
ATOM 43  H HA   . GLU A 1 3  ? -13.548 -6.267  14.784  1.00 0.00 ? 3  GLU A HA   1 
ATOM 44  H HB2  . GLU A 1 3  ? -13.310 -7.942  16.989  1.00 0.00 ? 3  GLU A HB2  1 
ATOM 45  H HB3  . GLU A 1 3  ? -13.751 -6.240  17.049  1.00 0.00 ? 3  GLU A HB3  1 
ATOM 46  H HG2  . GLU A 1 3  ? -16.003 -6.691  17.375  1.00 0.00 ? 3  GLU A HG2  1 
ATOM 47  H HG3  . GLU A 1 3  ? -15.927 -8.242  16.540  1.00 0.00 ? 3  GLU A HG3  1 
ATOM 48  N N    . VAL A 1 4  ? -13.705 -8.748  13.323  1.00 0.00 ? 4  VAL A N    1 
ATOM 49  C CA   . VAL A 1 4  ? -13.078 -9.945  12.692  1.00 0.00 ? 4  VAL A CA   1 
ATOM 50  C C    . VAL A 1 4  ? -11.566 -9.748  12.562  1.00 0.00 ? 4  VAL A C    1 
ATOM 51  O O    . VAL A 1 4  ? -10.790 -10.357 13.271  1.00 0.00 ? 4  VAL A O    1 
ATOM 52  C CB   . VAL A 1 4  ? -13.722 -10.051 11.310  1.00 0.00 ? 4  VAL A CB   1 
ATOM 53  C CG1  . VAL A 1 4  ? -13.092 -11.215 10.545  1.00 0.00 ? 4  VAL A CG1  1 
ATOM 54  C CG2  . VAL A 1 4  ? -15.225 -10.296 11.467  1.00 0.00 ? 4  VAL A CG2  1 
ATOM 55  H H    . VAL A 1 4  ? -14.368 -8.223  12.827  1.00 0.00 ? 4  VAL A H    1 
ATOM 56  H HA   . VAL A 1 4  ? -13.295 -10.831 13.266  1.00 0.00 ? 4  VAL A HA   1 
ATOM 57  H HB   . VAL A 1 4  ? -13.560 -9.132  10.765  1.00 0.00 ? 4  VAL A HB   1 
ATOM 58  H HG11 . VAL A 1 4  ? -12.113 -11.425 10.951  1.00 0.00 ? 4  VAL A HG11 1 
ATOM 59  H HG12 . VAL A 1 4  ? -13.716 -12.091 10.644  1.00 0.00 ? 4  VAL A HG12 1 
ATOM 60  H HG13 . VAL A 1 4  ? -13.000 -10.954 9.502   1.00 0.00 ? 4  VAL A HG13 1 
ATOM 61  H HG21 . VAL A 1 4  ? -15.511 -10.129 12.495  1.00 0.00 ? 4  VAL A HG21 1 
ATOM 62  H HG22 . VAL A 1 4  ? -15.770 -9.619  10.828  1.00 0.00 ? 4  VAL A HG22 1 
ATOM 63  H HG23 . VAL A 1 4  ? -15.454 -11.316 11.191  1.00 0.00 ? 4  VAL A HG23 1 
ATOM 64  N N    . ASP A 1 5  ? -11.138 -8.905  11.660  1.00 0.00 ? 5  ASP A N    1 
ATOM 65  C CA   . ASP A 1 5  ? -9.672  -8.686  11.495  1.00 0.00 ? 5  ASP A CA   1 
ATOM 66  C C    . ASP A 1 5  ? -9.394  -7.380  10.753  1.00 0.00 ? 5  ASP A C    1 
ATOM 67  O O    . ASP A 1 5  ? -8.567  -7.327  9.867   1.00 0.00 ? 5  ASP A O    1 
ATOM 68  C CB   . ASP A 1 5  ? -9.182  -9.884  10.681  1.00 0.00 ? 5  ASP A CB   1 
ATOM 69  C CG   . ASP A 1 5  ? -9.653  -9.743  9.233   1.00 0.00 ? 5  ASP A CG   1 
ATOM 70  O OD1  . ASP A 1 5  ? -10.771 -9.296  9.035   1.00 0.00 ? 5  ASP A OD1  1 
ATOM 71  O OD2  . ASP A 1 5  ? -8.889  -10.086 8.347   1.00 0.00 ? 5  ASP A OD2  1 
ATOM 72  H H    . ASP A 1 5  ? -11.775 -8.424  11.093  1.00 0.00 ? 5  ASP A H    1 
ATOM 73  H HA   . ASP A 1 5  ? -9.184  -8.674  12.456  1.00 0.00 ? 5  ASP A HA   1 
ATOM 74  H HB2  . ASP A 1 5  ? -8.102  -9.920  10.708  1.00 0.00 ? 5  ASP A HB2  1 
ATOM 75  H HB3  . ASP A 1 5  ? -9.584  -10.794 11.102  1.00 0.00 ? 5  ASP A HB3  1 
ATOM 76  N N    . ASN A 1 6  ? -10.053 -6.319  11.122  1.00 0.00 ? 6  ASN A N    1 
ATOM 77  C CA   . ASN A 1 6  ? -9.788  -5.019  10.452  1.00 0.00 ? 6  ASN A CA   1 
ATOM 78  C C    . ASN A 1 6  ? -10.093 -3.873  11.410  1.00 0.00 ? 6  ASN A C    1 
ATOM 79  O O    . ASN A 1 6  ? -11.157 -3.288  11.440  1.00 0.00 ? 6  ASN A O    1 
ATOM 80  C CB   . ASN A 1 6  ? -10.617 -5.030  9.175   1.00 0.00 ? 6  ASN A CB   1 
ATOM 81  C CG   . ASN A 1 6  ? -11.585 -3.843  9.088   1.00 0.00 ? 6  ASN A CG   1 
ATOM 82  O OD1  . ASN A 1 6  ? -12.783 -4.026  8.985   1.00 0.00 ? 6  ASN A OD1  1 
ATOM 83  N ND2  . ASN A 1 6  ? -11.112 -2.624  9.122   1.00 0.00 ? 6  ASN A ND2  1 
ATOM 84  H H    . ASN A 1 6  ? -10.704 -6.373  11.854  1.00 0.00 ? 6  ASN A H    1 
ATOM 85  H HA   . ASN A 1 6  ? -8.744  -4.972  10.195  1.00 0.00 ? 6  ASN A HA   1 
ATOM 86  H HB2  . ASN A 1 6  ? -9.952  -5.002  8.325   1.00 0.00 ? 6  ASN A HB2  1 
ATOM 87  H HB3  . ASN A 1 6  ? -11.157 -5.938  9.159   1.00 0.00 ? 6  ASN A HB3  1 
ATOM 88  H HD21 . ASN A 1 6  ? -10.146 -2.476  9.203   1.00 0.00 ? 6  ASN A HD21 1 
ATOM 89  H HD22 . ASN A 1 6  ? -11.722 -1.860  9.067   1.00 0.00 ? 6  ASN A HD22 1 
ATOM 90  N N    . PRO A 1 7  ? -9.083  -3.606  12.159  1.00 0.00 ? 7  PRO A N    1 
ATOM 91  C CA   . PRO A 1 7  ? -9.104  -2.519  13.157  1.00 0.00 ? 7  PRO A CA   1 
ATOM 92  C C    . PRO A 1 7  ? -8.787  -1.195  12.462  1.00 0.00 ? 7  PRO A C    1 
ATOM 93  O O    . PRO A 1 7  ? -9.511  -0.223  12.534  1.00 0.00 ? 7  PRO A O    1 
ATOM 94  C CB   . PRO A 1 7  ? -7.951  -2.890  14.079  1.00 0.00 ? 7  PRO A CB   1 
ATOM 95  C CG   . PRO A 1 7  ? -7.010  -3.727  13.257  1.00 0.00 ? 7  PRO A CG   1 
ATOM 96  C CD   . PRO A 1 7  ? -7.810  -4.327  12.130  1.00 0.00 ? 7  PRO A CD   1 
ATOM 97  H HA   . PRO A 1 7  ? -10.034 -2.482  13.697  1.00 0.00 ? 7  PRO A HA   1 
ATOM 98  H HB2  . PRO A 1 7  ? -7.454  -1.994  14.412  1.00 0.00 ? 7  PRO A HB2  1 
ATOM 99  H HB3  . PRO A 1 7  ? -8.314  -3.460  14.913  1.00 0.00 ? 7  PRO A HB3  1 
ATOM 100 H HG2  . PRO A 1 7  ? -6.213  -3.111  12.865  1.00 0.00 ? 7  PRO A HG2  1 
ATOM 101 H HG3  . PRO A 1 7  ? -6.595  -4.516  13.866  1.00 0.00 ? 7  PRO A HG3  1 
ATOM 102 H HD2  . PRO A 1 7  ? -7.344  -4.183  11.170  1.00 0.00 ? 7  PRO A HD2  1 
ATOM 103 H HD3  . PRO A 1 7  ? -7.968  -5.380  12.286  1.00 0.00 ? 7  PRO A HD3  1 
ATOM 104 N N    . HIS A 1 8  ? -7.687  -1.201  11.785  1.00 0.00 ? 8  HIS A N    1 
ATOM 105 C CA   . HIS A 1 8  ? -7.193  -0.030  11.025  1.00 0.00 ? 8  HIS A CA   1 
ATOM 106 C C    . HIS A 1 8  ? -5.917  -0.502  10.326  1.00 0.00 ? 8  HIS A C    1 
ATOM 107 O O    . HIS A 1 8  ? -5.605  -0.123  9.214   1.00 0.00 ? 8  HIS A O    1 
ATOM 108 C CB   . HIS A 1 8  ? -6.920  1.074   12.059  1.00 0.00 ? 8  HIS A CB   1 
ATOM 109 C CG   . HIS A 1 8  ? -7.408  2.391   11.513  1.00 0.00 ? 8  HIS A CG   1 
ATOM 110 N ND1  . HIS A 1 8  ? -6.654  3.148   10.630  1.00 0.00 ? 8  HIS A ND1  1 
ATOM 111 C CD2  . HIS A 1 8  ? -8.569  3.098   11.717  1.00 0.00 ? 8  HIS A CD2  1 
ATOM 112 C CE1  . HIS A 1 8  ? -7.361  4.255   10.337  1.00 0.00 ? 8  HIS A CE1  1 
ATOM 113 N NE2  . HIS A 1 8  ? -8.536  4.275   10.974  1.00 0.00 ? 8  HIS A NE2  1 
ATOM 114 H H    . HIS A 1 8  ? -7.168  -2.023  11.756  1.00 0.00 ? 8  HIS A H    1 
ATOM 115 H HA   . HIS A 1 8  ? -7.929  0.286   10.310  1.00 0.00 ? 8  HIS A HA   1 
ATOM 116 H HB2  . HIS A 1 8  ? -7.447  0.847   12.974  1.00 0.00 ? 8  HIS A HB2  1 
ATOM 117 H HB3  . HIS A 1 8  ? -5.860  1.143   12.259  1.00 0.00 ? 8  HIS A HB3  1 
ATOM 118 H HD1  . HIS A 1 8  ? -5.769  2.915   10.279  1.00 0.00 ? 8  HIS A HD1  1 
ATOM 119 H HD2  . HIS A 1 8  ? -9.384  2.787   12.353  1.00 0.00 ? 8  HIS A HD2  1 
ATOM 120 H HE1  . HIS A 1 8  ? -7.019  5.033   9.672   1.00 0.00 ? 8  HIS A HE1  1 
ATOM 121 N N    . CYS A 1 9  ? -5.211  -1.384  10.991  1.00 0.00 ? 9  CYS A N    1 
ATOM 122 C CA   . CYS A 1 9  ? -3.974  -1.982  10.435  1.00 0.00 ? 9  CYS A CA   1 
ATOM 123 C C    . CYS A 1 9  ? -3.942  -3.470  10.833  1.00 0.00 ? 9  CYS A C    1 
ATOM 124 O O    . CYS A 1 9  ? -3.089  -3.906  11.585  1.00 0.00 ? 9  CYS A O    1 
ATOM 125 C CB   . CYS A 1 9  ? -2.833  -1.206  11.091  1.00 0.00 ? 9  CYS A CB   1 
ATOM 126 S SG   . CYS A 1 9  ? -1.315  -1.432  10.136  1.00 0.00 ? 9  CYS A SG   1 
ATOM 127 H H    . CYS A 1 9  ? -5.517  -1.676  11.870  1.00 0.00 ? 9  CYS A H    1 
ATOM 128 H HA   . CYS A 1 9  ? -3.942  -1.871  9.362   1.00 0.00 ? 9  CYS A HA   1 
ATOM 129 H HB2  . CYS A 1 9  ? -3.086  -0.157  11.119  1.00 0.00 ? 9  CYS A HB2  1 
ATOM 130 H HB3  . CYS A 1 9  ? -2.683  -1.566  12.099  1.00 0.00 ? 9  CYS A HB3  1 
ATOM 131 H HG   . CYS A 1 9  ? -0.600  -1.001  10.607  1.00 0.00 ? 9  CYS A HG   1 
ATOM 132 N N    . PRO A 1 10 ? -4.899  -4.200  10.315  1.00 0.00 ? 10 PRO A N    1 
ATOM 133 C CA   . PRO A 1 10 ? -5.026  -5.652  10.622  1.00 0.00 ? 10 PRO A CA   1 
ATOM 134 C C    . PRO A 1 10 ? -3.896  -6.419  10.056  1.00 0.00 ? 10 PRO A C    1 
ATOM 135 O O    . PRO A 1 10 ? -2.790  -6.707  10.643  1.00 0.00 ? 10 PRO A O    1 
ATOM 136 C CB   . PRO A 1 10 ? -6.360  -6.042  9.974   1.00 0.00 ? 10 PRO A CB   1 
ATOM 137 C CG   . PRO A 1 10 ? -6.579  -5.021  8.899   1.00 0.00 ? 10 PRO A CG   1 
ATOM 138 C CD   . PRO A 1 10 ? -5.935  -3.747  9.374   1.00 0.00 ? 10 PRO A CD   1 
ATOM 139 H HA   . PRO A 1 10 ? -5.058  -5.831  11.608  1.00 0.00 ? 10 PRO A HA   1 
ATOM 140 H HB2  . PRO A 1 10 ? -6.288  -7.033  9.545   1.00 0.00 ? 10 PRO A HB2  1 
ATOM 141 H HB3  . PRO A 1 10 ? -7.159  -6.002  10.692  1.00 0.00 ? 10 PRO A HB3  1 
ATOM 142 H HG2  . PRO A 1 10 ? -6.125  -5.345  7.974   1.00 0.00 ? 10 PRO A HG2  1 
ATOM 143 H HG3  . PRO A 1 10 ? -7.634  -4.859  8.751   1.00 0.00 ? 10 PRO A HG3  1 
ATOM 144 H HD2  . PRO A 1 10 ? -5.490  -3.218  8.542   1.00 0.00 ? 10 PRO A HD2  1 
ATOM 145 H HD3  . PRO A 1 10 ? -6.655  -3.132  9.874   1.00 0.00 ? 10 PRO A HD3  1 
ATOM 146 N N    . ASN A 1 11 ? -4.037  -6.719  8.888   1.00 0.00 ? 11 ASN A N    1 
ATOM 147 C CA   . ASN A 1 11 ? -2.914  -7.391  8.334   1.00 0.00 ? 11 ASN A CA   1 
ATOM 148 C C    . ASN A 1 11 ? -2.239  -6.770  7.238   1.00 0.00 ? 11 ASN A C    1 
ATOM 149 O O    . ASN A 1 11 ? -2.309  -7.051  6.058   1.00 0.00 ? 11 ASN A O    1 
ATOM 150 C CB   . ASN A 1 11 ? -3.089  -8.802  8.502   1.00 0.00 ? 11 ASN A CB   1 
ATOM 151 C CG   . ASN A 1 11 ? -3.718  -9.528  7.379   1.00 0.00 ? 11 ASN A CG   1 
ATOM 152 O OD1  . ASN A 1 11 ? -4.862  -9.320  7.026   1.00 0.00 ? 11 ASN A OD1  1 
ATOM 153 N ND2  . ASN A 1 11 ? -2.983  -10.394 6.798   1.00 0.00 ? 11 ASN A ND2  1 
ATOM 154 H H    . ASN A 1 11 ? -4.823  -6.460  8.415   1.00 0.00 ? 11 ASN A H    1 
ATOM 155 H HA   . ASN A 1 11 ? -2.161  -7.249  9.079   1.00 0.00 ? 11 ASN A HA   1 
ATOM 156 H HB2  . ASN A 1 11 ? -2.128  -9.188  8.687   1.00 0.00 ? 11 ASN A HB2  1 
ATOM 157 H HB3  . ASN A 1 11 ? -3.645  -8.897  9.391   1.00 0.00 ? 11 ASN A HB3  1 
ATOM 158 H HD21 . ASN A 1 11 ? -2.044  -10.525 7.088   1.00 0.00 ? 11 ASN A HD21 1 
ATOM 159 H HD22 . ASN A 1 11 ? -3.352  -10.929 6.069   1.00 0.00 ? 11 ASN A HD22 1 
ATOM 160 N N    . PRO A 1 12 ? -1.522  -5.895  7.836   1.00 0.00 ? 12 PRO A N    1 
ATOM 161 C CA   . PRO A 1 12 ? -0.669  -5.022  7.235   1.00 0.00 ? 12 PRO A CA   1 
ATOM 162 C C    . PRO A 1 12 ? 0.595   -5.767  7.367   1.00 0.00 ? 12 PRO A C    1 
ATOM 163 O O    . PRO A 1 12 ? 1.575   -5.470  6.714   1.00 0.00 ? 12 PRO A O    1 
ATOM 164 C CB   . PRO A 1 12 ? -0.729  -3.852  8.176   1.00 0.00 ? 12 PRO A CB   1 
ATOM 165 C CG   . PRO A 1 12 ? -1.047  -4.375  9.515   1.00 0.00 ? 12 PRO A CG   1 
ATOM 166 C CD   . PRO A 1 12 ? -1.421  -5.729  9.304   1.00 0.00 ? 12 PRO A CD   1 
ATOM 167 H HA   . PRO A 1 12 ? -0.945  -4.780  6.233   1.00 0.00 ? 12 PRO A HA   1 
ATOM 168 H HB2  . PRO A 1 12 ? 0.194   -3.371  8.204   1.00 0.00 ? 12 PRO A HB2  1 
ATOM 169 H HB3  . PRO A 1 12 ? -1.530  -3.225  7.871   1.00 0.00 ? 12 PRO A HB3  1 
ATOM 170 H HG2  . PRO A 1 12 ? -0.189  -4.344  10.163  1.00 0.00 ? 12 PRO A HG2  1 
ATOM 171 H HG3  . PRO A 1 12 ? -1.869  -3.849  9.945   1.00 0.00 ? 12 PRO A HG3  1 
ATOM 172 H HD2  . PRO A 1 12 ? -0.715  -6.406  9.735   1.00 0.00 ? 12 PRO A HD2  1 
ATOM 173 H HD3  . PRO A 1 12 ? -2.312  -5.937  9.728   1.00 0.00 ? 12 PRO A HD3  1 
ATOM 174 N N    . TRP A 1 13 ? 0.583   -6.815  8.217   1.00 0.00 ? 13 TRP A N    1 
ATOM 175 C CA   . TRP A 1 13 ? 1.840   -7.570  8.281   1.00 0.00 ? 13 TRP A CA   1 
ATOM 176 C C    . TRP A 1 13 ? 2.258   -7.859  6.870   1.00 0.00 ? 13 TRP A C    1 
ATOM 177 O O    . TRP A 1 13 ? 3.427   -7.971  6.562   1.00 0.00 ? 13 TRP A O    1 
ATOM 178 C CB   . TRP A 1 13 ? 1.535   -8.892  8.876   1.00 0.00 ? 13 TRP A CB   1 
ATOM 179 C CG   . TRP A 1 13 ? 1.172   -8.781  10.287  1.00 0.00 ? 13 TRP A CG   1 
ATOM 180 C CD1  . TRP A 1 13 ? 1.864   -8.270  11.267  1.00 0.00 ? 13 TRP A CD1  1 
ATOM 181 C CD2  . TRP A 1 13 ? -0.025  -9.175  10.807  1.00 0.00 ? 13 TRP A CD2  1 
ATOM 182 N NE1  . TRP A 1 13 ? 1.164   -8.446  12.458  1.00 0.00 ? 13 TRP A NE1  1 
ATOM 183 C CE2  . TRP A 1 13 ? -0.068  -8.999  12.188  1.00 0.00 ? 13 TRP A CE2  1 
ATOM 184 C CE3  . TRP A 1 13 ? -1.045  -9.692  10.161  1.00 0.00 ? 13 TRP A CE3  1 
ATOM 185 C CZ2  . TRP A 1 13 ? -1.201  -9.374  12.911  1.00 0.00 ? 13 TRP A CZ2  1 
ATOM 186 C CZ3  . TRP A 1 13 ? -2.163  -10.037 10.789  1.00 0.00 ? 13 TRP A CZ3  1 
ATOM 187 C CH2  . TRP A 1 13 ? -2.289  -9.895  12.189  1.00 0.00 ? 13 TRP A CH2  1 
ATOM 188 H H    . TRP A 1 13 ? -0.252  -7.103  8.757   1.00 0.00 ? 13 TRP A H    1 
ATOM 189 H HA   . TRP A 1 13 ? 2.593   -7.043  8.832   1.00 0.00 ? 13 TRP A HA   1 
ATOM 190 H HB2  . TRP A 1 13 ? 0.701   -9.322  8.344   1.00 0.00 ? 13 TRP A HB2  1 
ATOM 191 H HB3  . TRP A 1 13 ? 2.382   -9.529  8.759   1.00 0.00 ? 13 TRP A HB3  1 
ATOM 192 H HD1  . TRP A 1 13 ? 2.790   -7.849  11.143  1.00 0.00 ? 13 TRP A HD1  1 
ATOM 193 H HE1  . TRP A 1 13 ? 1.471   -8.192  13.354  1.00 0.00 ? 13 TRP A HE1  1 
ATOM 194 H HE3  . TRP A 1 13 ? -0.963  -9.831  9.096   1.00 0.00 ? 13 TRP A HE3  1 
ATOM 195 H HZ2  . TRP A 1 13 ? -1.249  -9.248  13.983  1.00 0.00 ? 13 TRP A HZ2  1 
ATOM 196 H HZ3  . TRP A 1 13 ? -2.951  -10.328 10.170  1.00 0.00 ? 13 TRP A HZ3  1 
ATOM 197 H HH2  . TRP A 1 13 ? -3.187  -10.211 12.701  1.00 0.00 ? 13 TRP A HH2  1 
ATOM 198 N N    . LEU A 1 14 ? 1.292   -8.018  5.996   1.00 0.00 ? 14 LEU A N    1 
ATOM 199 C CA   . LEU A 1 14 ? 1.707   -8.337  4.618   1.00 0.00 ? 14 LEU A CA   1 
ATOM 200 C C    . LEU A 1 14 ? 1.065   -7.520  3.527   1.00 0.00 ? 14 LEU A C    1 
ATOM 201 O O    . LEU A 1 14 ? 1.596   -7.341  2.436   1.00 0.00 ? 14 LEU A O    1 
ATOM 202 C CB   . LEU A 1 14 ? 1.495   -9.836  4.432   1.00 0.00 ? 14 LEU A CB   1 
ATOM 203 C CG   . LEU A 1 14 ? 0.150   -10.239 5.037   1.00 0.00 ? 14 LEU A CG   1 
ATOM 204 C CD1  . LEU A 1 14 ? -0.674  -10.990 3.992   1.00 0.00 ? 14 LEU A CD1  1 
ATOM 205 C CD2  . LEU A 1 14 ? 0.386   -11.144 6.246   1.00 0.00 ? 14 LEU A CD2  1 
ATOM 206 H H    . LEU A 1 14 ? 0.343   -7.949  6.267   1.00 0.00 ? 14 LEU A H    1 
ATOM 207 H HA   . LEU A 1 14 ? 2.679   -8.108  4.608   1.00 0.00 ? 14 LEU A HA   1 
ATOM 208 H HB2  . LEU A 1 14 ? 1.502   -10.073 3.379   1.00 0.00 ? 14 LEU A HB2  1 
ATOM 209 H HB3  . LEU A 1 14 ? 2.287   -10.376 4.930   1.00 0.00 ? 14 LEU A HB3  1 
ATOM 210 H HG   . LEU A 1 14 ? -0.388  -9.354  5.348   1.00 0.00 ? 14 LEU A HG   1 
ATOM 211 H HD11 . LEU A 1 14 ? -0.601  -10.480 3.043   1.00 0.00 ? 14 LEU A HD11 1 
ATOM 212 H HD12 . LEU A 1 14 ? -0.295  -11.997 3.891   1.00 0.00 ? 14 LEU A HD12 1 
ATOM 213 H HD13 . LEU A 1 14 ? -1.708  -11.023 4.304   1.00 0.00 ? 14 LEU A HD13 1 
ATOM 214 H HD21 . LEU A 1 14 ? 1.420   -11.453 6.269   1.00 0.00 ? 14 LEU A HD21 1 
ATOM 215 H HD22 . LEU A 1 14 ? 0.150   -10.606 7.150   1.00 0.00 ? 14 LEU A HD22 1 
ATOM 216 H HD23 . LEU A 1 14 ? -0.247  -12.016 6.172   1.00 0.00 ? 14 LEU A HD23 1 
ATOM 217 N N    . ASN A 1 15 ? 0.021   -6.937  3.841   1.00 0.00 ? 15 ASN A N    1 
ATOM 218 C CA   . ASN A 1 15 ? -0.624  -6.023  2.898   1.00 0.00 ? 15 ASN A CA   1 
ATOM 219 C C    . ASN A 1 15 ? 0.373   -5.057  2.516   1.00 0.00 ? 15 ASN A C    1 
ATOM 220 O O    . ASN A 1 15 ? 0.585   -4.641  1.402   1.00 0.00 ? 15 ASN A O    1 
ATOM 221 C CB   . ASN A 1 15 ? -1.634  -5.288  3.764   1.00 0.00 ? 15 ASN A CB   1 
ATOM 222 C CG   . ASN A 1 15 ? -1.559  -3.749  3.684   1.00 0.00 ? 15 ASN A CG   1 
ATOM 223 O OD1  . ASN A 1 15 ? -2.159  -3.151  2.813   1.00 0.00 ? 15 ASN A OD1  1 
ATOM 224 N ND2  . ASN A 1 15 ? -0.847  -3.086  4.552   1.00 0.00 ? 15 ASN A ND2  1 
ATOM 225 H H    . ASN A 1 15 ? -0.289  -7.021  4.727   1.00 0.00 ? 15 ASN A H    1 
ATOM 226 H HA   . ASN A 1 15 ? -1.058  -6.494  2.093   1.00 0.00 ? 15 ASN A HA   1 
ATOM 227 H HB2  . ASN A 1 15 ? -2.526  -5.548  3.438   1.00 0.00 ? 15 ASN A HB2  1 
ATOM 228 H HB3  . ASN A 1 15 ? -1.521  -5.596  4.785   1.00 0.00 ? 15 ASN A HB3  1 
ATOM 229 H HD21 . ASN A 1 15 ? -0.347  -3.558  5.241   1.00 0.00 ? 15 ASN A HD21 1 
ATOM 230 H HD22 . ASN A 1 15 ? -0.847  -2.113  4.534   1.00 0.00 ? 15 ASN A HD22 1 
ATOM 231 N N    . GLU A 1 16 ? 0.900   -4.653  3.544   1.00 0.00 ? 16 GLU A N    1 
ATOM 232 C CA   . GLU A 1 16 ? 1.846   -3.600  3.468   1.00 0.00 ? 16 GLU A CA   1 
ATOM 233 C C    . GLU A 1 16 ? 3.019   -4.059  2.619   1.00 0.00 ? 16 GLU A C    1 
ATOM 234 O O    . GLU A 1 16 ? 3.657   -3.288  1.928   1.00 0.00 ? 16 GLU A O    1 
ATOM 235 C CB   . GLU A 1 16 ? 2.204   -3.268  4.914   1.00 0.00 ? 16 GLU A CB   1 
ATOM 236 C CG   . GLU A 1 16 ? 3.608   -3.773  5.271   1.00 0.00 ? 16 GLU A CG   1 
ATOM 237 C CD   . GLU A 1 16 ? 3.773   -3.773  6.791   1.00 0.00 ? 16 GLU A CD   1 
ATOM 238 O OE1  . GLU A 1 16 ? 3.376   -2.800  7.410   1.00 0.00 ? 16 GLU A OE1  1 
ATOM 239 O OE2  . GLU A 1 16 ? 4.292   -4.748  7.311   1.00 0.00 ? 16 GLU A OE2  1 
ATOM 240 H H    . GLU A 1 16 ? 0.580   -5.042  4.391   1.00 0.00 ? 16 GLU A H    1 
ATOM 241 H HA   . GLU A 1 16 ? 1.317   -2.797  3.017   1.00 0.00 ? 16 GLU A HA   1 
ATOM 242 H HB2  . GLU A 1 16 ? 2.161   -2.202  5.045   1.00 0.00 ? 16 GLU A HB2  1 
ATOM 243 H HB3  . GLU A 1 16 ? 1.480   -3.738  5.565   1.00 0.00 ? 16 GLU A HB3  1 
ATOM 244 H HG2  . GLU A 1 16 ? 3.736   -4.777  4.890   1.00 0.00 ? 16 GLU A HG2  1 
ATOM 245 H HG3  . GLU A 1 16 ? 4.349   -3.123  4.829   1.00 0.00 ? 16 GLU A HG3  1 
ATOM 246 N N    . ASP A 1 17 ? 3.277   -5.332  2.650   1.00 0.00 ? 17 ASP A N    1 
ATOM 247 C CA   . ASP A 1 17 ? 4.374   -5.886  1.833   1.00 0.00 ? 17 ASP A CA   1 
ATOM 248 C C    . ASP A 1 17 ? 4.126   -5.536  0.369   1.00 0.00 ? 17 ASP A C    1 
ATOM 249 O O    . ASP A 1 17 ? 5.044   -5.505  -0.428  1.00 0.00 ? 17 ASP A O    1 
ATOM 250 C CB   . ASP A 1 17 ? 4.306   -7.399  2.046   1.00 0.00 ? 17 ASP A CB   1 
ATOM 251 C CG   . ASP A 1 17 ? 5.723   -7.974  2.086   1.00 0.00 ? 17 ASP A CG   1 
ATOM 252 O OD1  . ASP A 1 17 ? 6.432   -7.678  3.034   1.00 0.00 ? 17 ASP A OD1  1 
ATOM 253 O OD2  . ASP A 1 17 ? 6.072   -8.702  1.171   1.00 0.00 ? 17 ASP A OD2  1 
ATOM 254 H H    . ASP A 1 17 ? 2.728   -5.927  3.200   1.00 0.00 ? 17 ASP A H    1 
ATOM 255 H HA   . ASP A 1 17 ? 5.327   -5.505  2.162   1.00 0.00 ? 17 ASP A HA   1 
ATOM 256 H HB2  . ASP A 1 17 ? 3.806   -7.607  2.980   1.00 0.00 ? 17 ASP A HB2  1 
ATOM 257 H HB3  . ASP A 1 17 ? 3.758   -7.855  1.233   1.00 0.00 ? 17 ASP A HB3  1 
ATOM 258 N N    . LEU A 1 18 ? 2.896   -5.268  -0.009  1.00 0.00 ? 18 LEU A N    1 
ATOM 259 C CA   . LEU A 1 18 ? 2.674   -4.925  -1.455  1.00 0.00 ? 18 LEU A CA   1 
ATOM 260 C C    . LEU A 1 18 ? 1.349   -4.213  -1.717  1.00 0.00 ? 18 LEU A C    1 
ATOM 261 O O    . LEU A 1 18 ? 0.883   -4.144  -2.834  1.00 0.00 ? 18 LEU A O    1 
ATOM 262 C CB   . LEU A 1 18 ? 2.717   -6.298  -2.219  1.00 0.00 ? 18 LEU A CB   1 
ATOM 263 C CG   . LEU A 1 18 ? 2.754   -6.073  -3.742  1.00 0.00 ? 18 LEU A CG   1 
ATOM 264 C CD1  . LEU A 1 18 ? 1.328   -6.143  -4.298  1.00 0.00 ? 18 LEU A CD1  1 
ATOM 265 C CD2  . LEU A 1 18 ? 3.360   -4.703  -4.075  1.00 0.00 ? 18 LEU A CD2  1 
ATOM 266 H H    . LEU A 1 18 ? 2.147   -5.297  0.642   1.00 0.00 ? 18 LEU A H    1 
ATOM 267 H HA   . LEU A 1 18 ? 3.474   -4.241  -1.785  1.00 0.00 ? 18 LEU A HA   1 
ATOM 268 H HB2  . LEU A 1 18 ? 3.585   -6.880  -1.920  1.00 0.00 ? 18 LEU A HB2  1 
ATOM 269 H HB3  . LEU A 1 18 ? 1.822   -6.888  -1.979  1.00 0.00 ? 18 LEU A HB3  1 
ATOM 270 H HG   . LEU A 1 18 ? 3.352   -6.850  -4.200  1.00 0.00 ? 18 LEU A HG   1 
ATOM 271 H HD11 . LEU A 1 18 ? 0.628   -6.259  -3.482  1.00 0.00 ? 18 LEU A HD11 1 
ATOM 272 H HD12 . LEU A 1 18 ? 1.105   -5.231  -4.834  1.00 0.00 ? 18 LEU A HD12 1 
ATOM 273 H HD13 . LEU A 1 18 ? 1.242   -6.985  -4.967  1.00 0.00 ? 18 LEU A HD13 1 
ATOM 274 H HD21 . LEU A 1 18 ? 4.208   -4.517  -3.435  1.00 0.00 ? 18 LEU A HD21 1 
ATOM 275 H HD22 . LEU A 1 18 ? 3.677   -4.691  -5.105  1.00 0.00 ? 18 LEU A HD22 1 
ATOM 276 H HD23 . LEU A 1 18 ? 2.619   -3.935  -3.920  1.00 0.00 ? 18 LEU A HD23 1 
ATOM 277 N N    . VAL A 1 19 ? 0.773   -3.622  -0.747  1.00 0.00 ? 19 VAL A N    1 
ATOM 278 C CA   . VAL A 1 19 ? -0.475  -2.862  -1.033  1.00 0.00 ? 19 VAL A CA   1 
ATOM 279 C C    . VAL A 1 19 ? -0.147  -1.395  -1.212  1.00 0.00 ? 19 VAL A C    1 
ATOM 280 O O    . VAL A 1 19 ? -0.805  -0.622  -1.908  1.00 0.00 ? 19 VAL A O    1 
ATOM 281 C CB   . VAL A 1 19 ? -1.408  -3.101  0.141   1.00 0.00 ? 19 VAL A CB   1 
ATOM 282 C CG1  . VAL A 1 19 ? -2.739  -2.400  -0.125  1.00 0.00 ? 19 VAL A CG1  1 
ATOM 283 C CG2  . VAL A 1 19 ? -1.656  -4.597  0.264   1.00 0.00 ? 19 VAL A CG2  1 
ATOM 284 H H    . VAL A 1 19 ? 1.175   -3.627  0.141   1.00 0.00 ? 19 VAL A H    1 
ATOM 285 H HA   . VAL A 1 19 ? -0.874  -3.218  -1.866  1.00 0.00 ? 19 VAL A HA   1 
ATOM 286 H HB   . VAL A 1 19 ? -0.962  -2.723  1.049   1.00 0.00 ? 19 VAL A HB   1 
ATOM 287 H HG11 . VAL A 1 19 ? -2.597  -1.632  -0.872  1.00 0.00 ? 19 VAL A HG11 1 
ATOM 288 H HG12 . VAL A 1 19 ? -3.460  -3.120  -0.479  1.00 0.00 ? 19 VAL A HG12 1 
ATOM 289 H HG13 . VAL A 1 19 ? -3.095  -1.951  0.791   1.00 0.00 ? 19 VAL A HG13 1 
ATOM 290 H HG21 . VAL A 1 19 ? -0.795  -5.134  -0.112  1.00 0.00 ? 19 VAL A HG21 1 
ATOM 291 H HG22 . VAL A 1 19 ? -1.814  -4.848  1.298   1.00 0.00 ? 19 VAL A HG22 1 
ATOM 292 H HG23 . VAL A 1 19 ? -2.528  -4.864  -0.312  1.00 0.00 ? 19 VAL A HG23 1 
ATOM 293 N N    . LYS A 1 20 ? 0.908   -1.116  -0.570  1.00 0.00 ? 20 LYS A N    1 
ATOM 294 C CA   . LYS A 1 20 ? 1.585   0.199   -0.440  1.00 0.00 ? 20 LYS A CA   1 
ATOM 295 C C    . LYS A 1 20 ? 2.236   0.502   -1.765  1.00 0.00 ? 20 LYS A C    1 
ATOM 296 O O    . LYS A 1 20 ? 2.171   1.582   -2.276  1.00 0.00 ? 20 LYS A O    1 
ATOM 297 C CB   . LYS A 1 20 ? 2.587   -0.137  0.730   1.00 0.00 ? 20 LYS A CB   1 
ATOM 298 C CG   . LYS A 1 20 ? 1.885   -1.200  1.624   1.00 0.00 ? 20 LYS A CG   1 
ATOM 299 C CD   . LYS A 1 20 ? 0.536   -0.672  2.118   1.00 0.00 ? 20 LYS A CD   1 
ATOM 300 C CE   . LYS A 1 20 ? 0.759   0.513   3.060   1.00 0.00 ? 20 LYS A CE   1 
ATOM 301 N NZ   . LYS A 1 20 ? 0.085   0.122   4.330   1.00 0.00 ? 20 LYS A NZ   1 
ATOM 302 H H    . LYS A 1 20 ? 1.314   -1.855  -0.139  1.00 0.00 ? 20 LYS A H    1 
ATOM 303 H HA   . LYS A 1 20 ? 0.844   0.975   -0.181  1.00 0.00 ? 20 LYS A HA   1 
ATOM 304 H HB2  . LYS A 1 20 ? 3.524   -0.567  0.336   1.00 0.00 ? 20 LYS A HB2  1 
ATOM 305 H HB3  . LYS A 1 20 ? 2.834   0.732   1.327   1.00 0.00 ? 20 LYS A HB3  1 
ATOM 306 H HG2  . LYS A 1 20 ? 1.694   -2.106  1.034   1.00 0.00 ? 20 LYS A HG2  1 
ATOM 307 H HG3  . LYS A 1 20 ? 2.488   -1.461  2.438   1.00 0.00 ? 20 LYS A HG3  1 
ATOM 308 H HD2  . LYS A 1 20 ? -0.060  -0.366  1.270   1.00 0.00 ? 20 LYS A HD2  1 
ATOM 309 H HD3  . LYS A 1 20 ? 0.018   -1.461  2.647   1.00 0.00 ? 20 LYS A HD3  1 
ATOM 310 H HE2  . LYS A 1 20 ? 1.815   0.668   3.220   1.00 0.00 ? 20 LYS A HE2  1 
ATOM 311 H HE3  . LYS A 1 20 ? 0.306   1.407   2.664   1.00 0.00 ? 20 LYS A HE3  1 
ATOM 312 H HZ1  . LYS A 1 20 ? -0.898  -0.149  4.129   1.00 0.00 ? 20 LYS A HZ1  1 
ATOM 313 H HZ2  . LYS A 1 20 ? 0.584   -0.686  4.755   1.00 0.00 ? 20 LYS A HZ2  1 
ATOM 314 H HZ3  . LYS A 1 20 ? 0.096   0.925   4.991   1.00 0.00 ? 20 LYS A HZ3  1 
ATOM 315 N N    . SER A 1 21 ? 2.677   -0.496  -2.410  1.00 0.00 ? 21 SER A N    1 
ATOM 316 C CA   . SER A 1 21 ? 3.089   -0.283  -3.791  1.00 0.00 ? 21 SER A CA   1 
ATOM 317 C C    . SER A 1 21 ? 1.763   0.037   -4.420  1.00 0.00 ? 21 SER A C    1 
ATOM 318 O O    . SER A 1 21 ? 1.412   1.187   -4.668  1.00 0.00 ? 21 SER A O    1 
ATOM 319 C CB   . SER A 1 21 ? 3.700   -1.598  -4.298  1.00 0.00 ? 21 SER A CB   1 
ATOM 320 O OG   . SER A 1 21 ? 4.439   -2.208  -3.248  1.00 0.00 ? 21 SER A OG   1 
ATOM 321 H H    . SER A 1 21 ? 2.559   -1.363  -2.043  1.00 0.00 ? 21 SER A H    1 
ATOM 322 H HA   . SER A 1 21 ? 3.732   0.508   -3.881  1.00 0.00 ? 21 SER A HA   1 
ATOM 323 H HB2  . SER A 1 21 ? 2.927   -2.268  -4.624  1.00 0.00 ? 21 SER A HB2  1 
ATOM 324 H HB3  . SER A 1 21 ? 4.356   -1.387  -5.132  1.00 0.00 ? 21 SER A HB3  1 
ATOM 325 H HG   . SER A 1 21 ? 5.251   -1.708  -3.128  1.00 0.00 ? 21 SER A HG   1 
ATOM 326 N N    . LEU A 1 22 ? 0.989   -0.987  -4.461  1.00 0.00 ? 22 LEU A N    1 
ATOM 327 C CA   . LEU A 1 22 ? -0.466  -0.959  -4.902  1.00 0.00 ? 22 LEU A CA   1 
ATOM 328 C C    . LEU A 1 22 ? -1.275  0.044   -4.023  1.00 0.00 ? 22 LEU A C    1 
ATOM 329 O O    . LEU A 1 22 ? -2.387  -0.207  -3.609  1.00 0.00 ? 22 LEU A O    1 
ATOM 330 C CB   . LEU A 1 22 ? -0.946  -2.398  -4.669  1.00 0.00 ? 22 LEU A CB   1 
ATOM 331 C CG   . LEU A 1 22 ? -2.472  -2.473  -4.770  1.00 0.00 ? 22 LEU A CG   1 
ATOM 332 C CD1  . LEU A 1 22 ? -2.873  -3.665  -5.641  1.00 0.00 ? 22 LEU A CD1  1 
ATOM 333 C CD2  . LEU A 1 22 ? -3.061  -2.656  -3.371  1.00 0.00 ? 22 LEU A CD2  1 
ATOM 334 H H    . LEU A 1 22 ? 1.365   -1.789  -4.085  1.00 0.00 ? 22 LEU A H    1 
ATOM 335 H HA   . LEU A 1 22 ? -0.545  -0.716  -5.949  1.00 0.00 ? 22 LEU A HA   1 
ATOM 336 H HB2  . LEU A 1 22 ? -0.507  -3.045  -5.412  1.00 0.00 ? 22 LEU A HB2  1 
ATOM 337 H HB3  . LEU A 1 22 ? -0.639  -2.722  -3.685  1.00 0.00 ? 22 LEU A HB3  1 
ATOM 338 H HG   . LEU A 1 22 ? -2.852  -1.560  -5.209  1.00 0.00 ? 22 LEU A HG   1 
ATOM 339 H HD11 . LEU A 1 22 ? -2.421  -4.565  -5.249  1.00 0.00 ? 22 LEU A HD11 1 
ATOM 340 H HD12 . LEU A 1 22 ? -3.948  -3.771  -5.633  1.00 0.00 ? 22 LEU A HD12 1 
ATOM 341 H HD13 . LEU A 1 22 ? -2.534  -3.505  -6.655  1.00 0.00 ? 22 LEU A HD13 1 
ATOM 342 H HD21 . LEU A 1 22 ? -2.385  -2.240  -2.639  1.00 0.00 ? 22 LEU A HD21 1 
ATOM 343 H HD22 . LEU A 1 22 ? -4.014  -2.152  -3.310  1.00 0.00 ? 22 LEU A HD22 1 
ATOM 344 H HD23 . LEU A 1 22 ? -3.198  -3.710  -3.175  1.00 0.00 ? 22 LEU A HD23 1 
ATOM 345 N N    . ARG A 1 23 ? -0.658  1.160   -3.721  1.00 0.00 ? 23 ARG A N    1 
ATOM 346 C CA   . ARG A 1 23 ? -1.235  2.232   -2.847  1.00 0.00 ? 23 ARG A CA   1 
ATOM 347 C C    . ARG A 1 23 ? -0.384  3.410   -2.907  1.00 0.00 ? 23 ARG A C    1 
ATOM 348 O O    . ARG A 1 23 ? -0.771  4.447   -3.408  1.00 0.00 ? 23 ARG A O    1 
ATOM 349 C CB   . ARG A 1 23 ? -1.101  1.673   -1.462  1.00 0.00 ? 23 ARG A CB   1 
ATOM 350 C CG   . ARG A 1 23 ? -2.418  1.109   -0.971  1.00 0.00 ? 23 ARG A CG   1 
ATOM 351 C CD   . ARG A 1 23 ? -2.213  0.512   0.413   1.00 0.00 ? 23 ARG A CD   1 
ATOM 352 N NE   . ARG A 1 23 ? -1.372  1.500   1.130   1.00 0.00 ? 23 ARG A NE   1 
ATOM 353 C CZ   . ARG A 1 23 ? -1.922  2.502   1.757   1.00 0.00 ? 23 ARG A CZ   1 
ATOM 354 N NH1  . ARG A 1 23 ? -2.004  3.668   1.174   1.00 0.00 ? 23 ARG A NH1  1 
ATOM 355 N NH2  . ARG A 1 23 ? -2.390  2.340   2.965   1.00 0.00 ? 23 ARG A NH2  1 
ATOM 356 H H    . ARG A 1 23 ? 0.229   1.284   -4.067  1.00 0.00 ? 23 ARG A H    1 
ATOM 357 H HA   . ARG A 1 23 ? -2.210  2.526   -3.111  1.00 0.00 ? 23 ARG A HA   1 
ATOM 358 H HB2  . ARG A 1 23 ? -0.368  0.899   -1.491  1.00 0.00 ? 23 ARG A HB2  1 
ATOM 359 H HB3  . ARG A 1 23 ? -0.739  2.421   -0.803  1.00 0.00 ? 23 ARG A HB3  1 
ATOM 360 H HG2  . ARG A 1 23 ? -3.151  1.891   -0.928  1.00 0.00 ? 23 ARG A HG2  1 
ATOM 361 H HG3  . ARG A 1 23 ? -2.743  0.334   -1.645  1.00 0.00 ? 23 ARG A HG3  1 
ATOM 362 H HD2  . ARG A 1 23 ? -3.159  0.379   0.911   1.00 0.00 ? 23 ARG A HD2  1 
ATOM 363 H HD3  . ARG A 1 23 ? -1.686  -0.424  0.334   1.00 0.00 ? 23 ARG A HD3  1 
ATOM 364 H HE   . ARG A 1 23 ? -0.402  1.404   1.114   1.00 0.00 ? 23 ARG A HE   1 
ATOM 365 H HH11 . ARG A 1 23 ? -1.646  3.789   0.247   1.00 0.00 ? 23 ARG A HH11 1 
ATOM 366 H HH12 . ARG A 1 23 ? -2.423  4.439   1.651   1.00 0.00 ? 23 ARG A HH12 1 
ATOM 367 H HH21 . ARG A 1 23 ? -2.326  1.447   3.411   1.00 0.00 ? 23 ARG A HH21 1 
ATOM 368 H HH22 . ARG A 1 23 ? -2.812  3.109   3.446   1.00 0.00 ? 23 ARG A HH22 1 
ATOM 369 N N    . GLU A 1 24 ? 0.795   3.281   -2.463  1.00 0.00 ? 24 GLU A N    1 
ATOM 370 C CA   . GLU A 1 24 ? 1.649   4.421   -2.588  1.00 0.00 ? 24 GLU A CA   1 
ATOM 371 C C    . GLU A 1 24 ? 2.082   4.470   -4.003  1.00 0.00 ? 24 GLU A C    1 
ATOM 372 O O    . GLU A 1 24 ? 3.176   4.747   -4.349  1.00 0.00 ? 24 GLU A O    1 
ATOM 373 C CB   . GLU A 1 24 ? 2.784   4.273   -1.570  1.00 0.00 ? 24 GLU A CB   1 
ATOM 374 C CG   . GLU A 1 24 ? 4.037   5.056   -2.010  1.00 0.00 ? 24 GLU A CG   1 
ATOM 375 C CD   . GLU A 1 24 ? 4.694   5.691   -0.784  1.00 0.00 ? 24 GLU A CD   1 
ATOM 376 O OE1  . GLU A 1 24 ? 4.065   6.543   -0.176  1.00 0.00 ? 24 GLU A OE1  1 
ATOM 377 O OE2  . GLU A 1 24 ? 5.813   5.317   -0.473  1.00 0.00 ? 24 GLU A OE2  1 
ATOM 378 H H    . GLU A 1 24 ? 1.117   2.436   -2.099  1.00 0.00 ? 24 GLU A H    1 
ATOM 379 H HA   . GLU A 1 24 ? 1.039   5.276   -2.419  1.00 0.00 ? 24 GLU A HA   1 
ATOM 380 H HB2  . GLU A 1 24 ? 2.446   4.645   -0.617  1.00 0.00 ? 24 GLU A HB2  1 
ATOM 381 H HB3  . GLU A 1 24 ? 3.035   3.230   -1.473  1.00 0.00 ? 24 GLU A HB3  1 
ATOM 382 H HG2  . GLU A 1 24 ? 4.736   4.388   -2.494  1.00 0.00 ? 24 GLU A HG2  1 
ATOM 383 H HG3  . GLU A 1 24 ? 3.763   5.827   -2.700  1.00 0.00 ? 24 GLU A HG3  1 
ATOM 384 N N    . ASN A 1 25 ? 1.157   4.174   -4.809  1.00 0.00 ? 25 ASN A N    1 
ATOM 385 C CA   . ASN A 1 25 ? 1.326   4.212   -6.222  1.00 0.00 ? 25 ASN A CA   1 
ATOM 386 C C    . ASN A 1 25 ? 0.209   5.004   -6.785  1.00 0.00 ? 25 ASN A C    1 
ATOM 387 O O    . ASN A 1 25 ? 0.021   5.131   -7.983  1.00 0.00 ? 25 ASN A O    1 
ATOM 388 C CB   . ASN A 1 25 ? 1.232   2.784   -6.538  1.00 0.00 ? 25 ASN A CB   1 
ATOM 389 C CG   . ASN A 1 25 ? -0.181  2.274   -6.327  1.00 0.00 ? 25 ASN A CG   1 
ATOM 390 O OD1  . ASN A 1 25 ? -0.350  1.203   -5.900  1.00 0.00 ? 25 ASN A OD1  1 
ATOM 391 N ND2  . ASN A 1 25 ? -1.210  2.914   -6.783  1.00 0.00 ? 25 ASN A ND2  1 
ATOM 392 H H    . ASN A 1 25 ? 0.299   3.885   -4.466  1.00 0.00 ? 25 ASN A H    1 
ATOM 393 H HA   . ASN A 1 25 ? 2.228   4.638   -6.496  1.00 0.00 ? 25 ASN A HA   1 
ATOM 394 H HB2  . ASN A 1 25 ? 1.477   2.629   -7.474  1.00 0.00 ? 25 ASN A HB2  1 
ATOM 395 H HB3  . ASN A 1 25 ? 1.921   2.288   -5.914  1.00 0.00 ? 25 ASN A HB3  1 
ATOM 396 H HD21 . ASN A 1 25 ? -1.102  3.697   -7.334  1.00 0.00 ? 25 ASN A HD21 1 
ATOM 397 H HD22 . ASN A 1 25 ? -2.082  2.674   -6.477  1.00 0.00 ? 25 ASN A HD22 1 
ATOM 398 N N    . LEU A 1 26 ? -0.580  5.512   -5.926  1.00 0.00 ? 26 LEU A N    1 
ATOM 399 C CA   . LEU A 1 26 ? -1.706  6.292   -6.431  1.00 0.00 ? 26 LEU A CA   1 
ATOM 400 C C    . LEU A 1 26 ? -1.081  7.326   -7.337  1.00 0.00 ? 26 LEU A C    1 
ATOM 401 O O    . LEU A 1 26 ? -1.538  7.609   -8.428  1.00 0.00 ? 26 LEU A O    1 
ATOM 402 C CB   . LEU A 1 26 ? -2.418  6.905   -5.219  1.00 0.00 ? 26 LEU A CB   1 
ATOM 403 C CG   . LEU A 1 26 ? -3.320  5.872   -4.501  1.00 0.00 ? 26 LEU A CG   1 
ATOM 404 C CD1  . LEU A 1 26 ? -3.194  4.470   -5.122  1.00 0.00 ? 26 LEU A CD1  1 
ATOM 405 C CD2  . LEU A 1 26 ? -2.914  5.805   -3.028  1.00 0.00 ? 26 LEU A CD2  1 
ATOM 406 H H    . LEU A 1 26 ? -0.427  5.355   -4.973  1.00 0.00 ? 26 LEU A H    1 
ATOM 407 H HA   . LEU A 1 26 ? -2.331  5.643   -6.984  1.00 0.00 ? 26 LEU A HA   1 
ATOM 408 H HB2  . LEU A 1 26 ? -1.677  7.269   -4.524  1.00 0.00 ? 26 LEU A HB2  1 
ATOM 409 H HB3  . LEU A 1 26 ? -3.027  7.733   -5.551  1.00 0.00 ? 26 LEU A HB3  1 
ATOM 410 H HG   . LEU A 1 26 ? -4.347  6.195   -4.569  1.00 0.00 ? 26 LEU A HG   1 
ATOM 411 H HD11 . LEU A 1 26 ? -3.473  4.506   -6.163  1.00 0.00 ? 26 LEU A HD11 1 
ATOM 412 H HD12 . LEU A 1 26 ? -2.173  4.127   -5.035  1.00 0.00 ? 26 LEU A HD12 1 
ATOM 413 H HD13 . LEU A 1 26 ? -3.847  3.786   -4.601  1.00 0.00 ? 26 LEU A HD13 1 
ATOM 414 H HD21 . LEU A 1 26 ? -1.908  6.183   -2.916  1.00 0.00 ? 26 LEU A HD21 1 
ATOM 415 H HD22 . LEU A 1 26 ? -3.591  6.404   -2.440  1.00 0.00 ? 26 LEU A HD22 1 
ATOM 416 H HD23 . LEU A 1 26 ? -2.953  4.780   -2.689  1.00 0.00 ? 26 LEU A HD23 1 
ATOM 417 N N    . LEU A 1 27 ? 0.045   7.794   -6.910  1.00 0.00 ? 27 LEU A N    1 
ATOM 418 C CA   . LEU A 1 27 ? 0.833   8.715   -7.756  1.00 0.00 ? 27 LEU A CA   1 
ATOM 419 C C    . LEU A 1 27 ? 2.307   8.500   -7.456  1.00 0.00 ? 27 LEU A C    1 
ATOM 420 O O    . LEU A 1 27 ? 3.168   9.252   -7.865  1.00 0.00 ? 27 LEU A O    1 
ATOM 421 C CB   . LEU A 1 27 ? 0.384   10.130  -7.405  1.00 0.00 ? 27 LEU A CB   1 
ATOM 422 C CG   . LEU A 1 27 ? 0.393   10.286  -5.885  1.00 0.00 ? 27 LEU A CG   1 
ATOM 423 C CD1  . LEU A 1 27 ? 1.031   11.624  -5.509  1.00 0.00 ? 27 LEU A CD1  1 
ATOM 424 C CD2  . LEU A 1 27 ? -1.042  10.240  -5.360  1.00 0.00 ? 27 LEU A CD2  1 
ATOM 425 H H    . LEU A 1 27 ? 0.409   7.475   -6.048  1.00 0.00 ? 27 LEU A H    1 
ATOM 426 H HA   . LEU A 1 27 ? 0.645   8.470   -8.806  1.00 0.00 ? 27 LEU A HA   1 
ATOM 427 H HB2  . LEU A 1 27 ? 1.065   10.843  -7.847  1.00 0.00 ? 27 LEU A HB2  1 
ATOM 428 H HB3  . LEU A 1 27 ? -0.613  10.299  -7.779  1.00 0.00 ? 27 LEU A HB3  1 
ATOM 429 H HG   . LEU A 1 27 ? 0.965   9.480   -5.447  1.00 0.00 ? 27 LEU A HG   1 
ATOM 430 H HD11 . LEU A 1 27 ? 1.055   12.266  -6.375  1.00 0.00 ? 27 LEU A HD11 1 
ATOM 431 H HD12 . LEU A 1 27 ? 0.450   12.091  -4.728  1.00 0.00 ? 27 LEU A HD12 1 
ATOM 432 H HD13 . LEU A 1 27 ? 2.039   11.455  -5.158  1.00 0.00 ? 27 LEU A HD13 1 
ATOM 433 H HD21 . LEU A 1 27 ? -1.716  10.006  -6.172  1.00 0.00 ? 27 LEU A HD21 1 
ATOM 434 H HD22 . LEU A 1 27 ? -1.122  9.480   -4.595  1.00 0.00 ? 27 LEU A HD22 1 
ATOM 435 H HD23 . LEU A 1 27 ? -1.303  11.200  -4.941  1.00 0.00 ? 27 LEU A HD23 1 
ATOM 436 N N    . GLN A 1 28 ? 2.593   7.409   -6.828  1.00 0.00 ? 28 GLN A N    1 
ATOM 437 C CA   . GLN A 1 28 ? 3.979   7.024   -6.583  1.00 0.00 ? 28 GLN A CA   1 
ATOM 438 C C    . GLN A 1 28 ? 4.242   5.826   -7.479  1.00 0.00 ? 28 GLN A C    1 
ATOM 439 O O    . GLN A 1 28 ? 5.360   5.423   -7.745  1.00 0.00 ? 28 GLN A O    1 
ATOM 440 C CB   . GLN A 1 28 ? 4.166   6.811   -5.080  1.00 0.00 ? 28 GLN A CB   1 
ATOM 441 C CG   . GLN A 1 28 ? 2.898   7.256   -4.304  1.00 0.00 ? 28 GLN A CG   1 
ATOM 442 C CD   . GLN A 1 28 ? 2.923   8.774   -4.082  1.00 0.00 ? 28 GLN A CD   1 
ATOM 443 O OE1  . GLN A 1 28 ? 2.206   9.284   -3.245  1.00 0.00 ? 28 GLN A OE1  1 
ATOM 444 N NE2  . GLN A 1 28 ? 3.716   9.523   -4.799  1.00 0.00 ? 28 GLN A NE2  1 
ATOM 445 H H    . GLN A 1 28 ? 1.882   6.786   -6.591  1.00 0.00 ? 28 GLN A H    1 
ATOM 446 H HA   . GLN A 1 28 ? 4.602   7.782   -6.911  1.00 0.00 ? 28 GLN A HA   1 
ATOM 447 H HB2  . GLN A 1 28 ? 4.384   5.780   -4.896  1.00 0.00 ? 28 GLN A HB2  1 
ATOM 448 H HB3  . GLN A 1 28 ? 5.005   7.404   -4.749  1.00 0.00 ? 28 GLN A HB3  1 
ATOM 449 H HG2  . GLN A 1 28 ? 2.015   6.989   -4.859  1.00 0.00 ? 28 GLN A HG2  1 
ATOM 450 H HG3  . GLN A 1 28 ? 2.860   6.770   -3.352  1.00 0.00 ? 28 GLN A HG3  1 
ATOM 451 H HE21 . GLN A 1 28 ? 4.295   9.119   -5.477  1.00 0.00 ? 28 GLN A HE21 1 
ATOM 452 H HE22 . GLN A 1 28 ? 3.737   10.493  -4.655  1.00 0.00 ? 28 GLN A HE22 1 
ATOM 453 N N    . HIS A 1 29 ? 3.213   5.413   -8.152  1.00 0.00 ? 29 HIS A N    1 
ATOM 454 C CA   . HIS A 1 29 ? 3.393   4.428   -9.203  1.00 0.00 ? 29 HIS A CA   1 
ATOM 455 C C    . HIS A 1 29 ? 3.869   5.213   -10.404 1.00 0.00 ? 29 HIS A C    1 
ATOM 456 O O    . HIS A 1 29 ? 4.175   4.713   -11.479 1.00 0.00 ? 29 HIS A O    1 
ATOM 457 C CB   . HIS A 1 29 ? 2.001   3.841   -9.330  1.00 0.00 ? 29 HIS A CB   1 
ATOM 458 C CG   . HIS A 1 29 ? 1.103   4.504   -10.324 1.00 0.00 ? 29 HIS A CG   1 
ATOM 459 N ND1  . HIS A 1 29 ? 0.300   3.737   -11.145 1.00 0.00 ? 29 HIS A ND1  1 
ATOM 460 C CD2  . HIS A 1 29 ? 0.674   5.791   -10.471 1.00 0.00 ? 29 HIS A CD2  1 
ATOM 461 C CE1  . HIS A 1 29 ? -0.582  4.557   -11.727 1.00 0.00 ? 29 HIS A CE1  1 
ATOM 462 N NE2  . HIS A 1 29 ? -0.393  5.826   -11.362 1.00 0.00 ? 29 HIS A NE2  1 
ATOM 463 H H    . HIS A 1 29 ? 2.351   5.858   -8.064  1.00 0.00 ? 29 HIS A H    1 
ATOM 464 H HA   . HIS A 1 29 ? 4.121   3.719   -8.902  1.00 0.00 ? 29 HIS A HA   1 
ATOM 465 H HB2  . HIS A 1 29 ? 2.061   2.814   -9.556  1.00 0.00 ? 29 HIS A HB2  1 
ATOM 466 H HB3  . HIS A 1 29 ? 1.544   3.968   -8.385  1.00 0.00 ? 29 HIS A HB3  1 
ATOM 467 H HD1  . HIS A 1 29 ? 0.365   2.769   -11.278 1.00 0.00 ? 29 HIS A HD1  1 
ATOM 468 H HD2  . HIS A 1 29 ? 1.050   6.632   -9.920  1.00 0.00 ? 29 HIS A HD2  1 
ATOM 469 H HE1  . HIS A 1 29 ? -1.405  4.218   -12.324 1.00 0.00 ? 29 HIS A HE1  1 
ATOM 470 N N    . GLU A 1 30 ? 4.066   6.454   -10.128 1.00 0.00 ? 30 GLU A N    1 
ATOM 471 C CA   . GLU A 1 30 ? 4.602   7.370   -11.040 1.00 0.00 ? 30 GLU A CA   1 
ATOM 472 C C    . GLU A 1 30 ? 6.040   7.312   -10.655 1.00 0.00 ? 30 GLU A C    1 
ATOM 473 O O    . GLU A 1 30 ? 6.897   7.392   -11.500 1.00 0.00 ? 30 GLU A O    1 
ATOM 474 C CB   . GLU A 1 30 ? 3.926   8.708   -10.666 1.00 0.00 ? 30 GLU A CB   1 
ATOM 475 C CG   . GLU A 1 30 ? 2.456   8.466   -10.217 1.00 0.00 ? 30 GLU A CG   1 
ATOM 476 C CD   . GLU A 1 30 ? 1.576   8.280   -11.458 1.00 0.00 ? 30 GLU A CD   1 
ATOM 477 O OE1  . GLU A 1 30 ? 1.934   7.471   -12.297 1.00 0.00 ? 30 GLU A OE1  1 
ATOM 478 O OE2  . GLU A 1 30 ? 0.561   8.950   -11.548 1.00 0.00 ? 30 GLU A OE2  1 
ATOM 479 H H    . GLU A 1 30 ? 3.954   6.774   -9.231  1.00 0.00 ? 30 GLU A H    1 
ATOM 480 H HA   . GLU A 1 30 ? 4.430   7.092   -12.062 1.00 0.00 ? 30 GLU A HA   1 
ATOM 481 H HB2  . GLU A 1 30 ? 4.475   9.171   -9.857  1.00 0.00 ? 30 GLU A HB2  1 
ATOM 482 H HB3  . GLU A 1 30 ? 3.933   9.363   -11.524 1.00 0.00 ? 30 GLU A HB3  1 
ATOM 483 H HG2  . GLU A 1 30 ? 2.394   7.580   -9.587  1.00 0.00 ? 30 GLU A HG2  1 
ATOM 484 H HG3  . GLU A 1 30 ? 2.094   9.309   -9.645  1.00 0.00 ? 30 GLU A HG3  1 
ATOM 485 N N    . LYS A 1 31 ? 6.308   7.102   -9.328  1.00 0.00 ? 31 LYS A N    1 
ATOM 486 C CA   . LYS A 1 31 ? 7.721   6.990   -8.828  1.00 0.00 ? 31 LYS A CA   1 
ATOM 487 C C    . LYS A 1 31 ? 8.485   6.362   -9.904  1.00 0.00 ? 31 LYS A C    1 
ATOM 488 O O    . LYS A 1 31 ? 9.575   6.725   -10.262 1.00 0.00 ? 31 LYS A O    1 
ATOM 489 C CB   . LYS A 1 31 ? 7.784   6.109   -7.574  1.00 0.00 ? 31 LYS A CB   1 
ATOM 490 C CG   . LYS A 1 31 ? 7.261   6.878   -6.362  1.00 0.00 ? 31 LYS A CG   1 
ATOM 491 C CD   . LYS A 1 31 ? 7.473   6.048   -5.093  1.00 0.00 ? 31 LYS A CD   1 
ATOM 492 C CE   . LYS A 1 31 ? 8.536   6.718   -4.218  1.00 0.00 ? 31 LYS A CE   1 
ATOM 493 N NZ   . LYS A 1 31 ? 9.483   5.625   -3.855  1.00 0.00 ? 31 LYS A NZ   1 
ATOM 494 H H    . LYS A 1 31 ? 5.577   6.993   -8.703  1.00 0.00 ? 31 LYS A H    1 
ATOM 495 H HA   . LYS A 1 31 ? 8.074   7.929   -8.641  1.00 0.00 ? 31 LYS A HA   1 
ATOM 496 H HB2  . LYS A 1 31 ? 7.214   5.213   -7.725  1.00 0.00 ? 31 LYS A HB2  1 
ATOM 497 H HB3  . LYS A 1 31 ? 8.814   5.838   -7.396  1.00 0.00 ? 31 LYS A HB3  1 
ATOM 498 H HG2  . LYS A 1 31 ? 7.795   7.812   -6.271  1.00 0.00 ? 31 LYS A HG2  1 
ATOM 499 H HG3  . LYS A 1 31 ? 6.218   7.076   -6.487  1.00 0.00 ? 31 LYS A HG3  1 
ATOM 500 H HD2  . LYS A 1 31 ? 6.542   5.984   -4.544  1.00 0.00 ? 31 LYS A HD2  1 
ATOM 501 H HD3  . LYS A 1 31 ? 7.801   5.055   -5.362  1.00 0.00 ? 31 LYS A HD3  1 
ATOM 502 H HE2  . LYS A 1 31 ? 9.045   7.493   -4.775  1.00 0.00 ? 31 LYS A HE2  1 
ATOM 503 H HE3  . LYS A 1 31 ? 8.085   7.126   -3.328  1.00 0.00 ? 31 LYS A HE3  1 
ATOM 504 H HZ1  . LYS A 1 31 ? 8.965   4.727   -3.784  1.00 0.00 ? 31 LYS A HZ1  1 
ATOM 505 H HZ2  . LYS A 1 31 ? 10.217  5.545   -4.589  1.00 0.00 ? 31 LYS A HZ2  1 
ATOM 506 H HZ3  . LYS A 1 31 ? 9.927   5.839   -2.941  1.00 0.00 ? 31 LYS A HZ3  1 
ATOM 507 N N    . SER A 1 32 ? 7.818   5.462   -10.463 1.00 0.00 ? 32 SER A N    1 
ATOM 508 C CA   . SER A 1 32 ? 8.351   4.784   -11.635 1.00 0.00 ? 32 SER A CA   1 
ATOM 509 C C    . SER A 1 32 ? 8.272   5.711   -12.798 1.00 0.00 ? 32 SER A C    1 
ATOM 510 O O    . SER A 1 32 ? 9.198   6.408   -13.133 1.00 0.00 ? 32 SER A O    1 
ATOM 511 C CB   . SER A 1 32 ? 7.509   3.523   -11.827 1.00 0.00 ? 32 SER A CB   1 
ATOM 512 O OG   . SER A 1 32 ? 8.082   2.459   -11.078 1.00 0.00 ? 32 SER A OG   1 
ATOM 513 H H    . SER A 1 32 ? 6.913   5.287   -10.116 1.00 0.00 ? 32 SER A H    1 
ATOM 514 H HA   . SER A 1 32 ? 9.323   4.567   -11.496 1.00 0.00 ? 32 SER A HA   1 
ATOM 515 H HB2  . SER A 1 32 ? 6.506   3.701   -11.478 1.00 0.00 ? 32 SER A HB2  1 
ATOM 516 H HB3  . SER A 1 32 ? 7.481   3.264   -12.878 1.00 0.00 ? 32 SER A HB3  1 
ATOM 517 H HG   . SER A 1 32 ? 7.966   2.658   -10.146 1.00 0.00 ? 32 SER A HG   1 
ATOM 518 N N    . LYS A 1 33 ? 7.188   5.772   -13.379 1.00 0.00 ? 33 LYS A N    1 
ATOM 519 C CA   . LYS A 1 33 ? 7.069   6.719   -14.531 1.00 0.00 ? 33 LYS A CA   1 
ATOM 520 C C    . LYS A 1 33 ? 7.116   8.160   -14.013 1.00 0.00 ? 33 LYS A C    1 
ATOM 521 O O    . LYS A 1 33 ? 6.264   8.967   -14.328 1.00 0.00 ? 33 LYS A O    1 
ATOM 522 C CB   . LYS A 1 33 ? 5.734   6.433   -15.207 1.00 0.00 ? 33 LYS A CB   1 
ATOM 523 C CG   . LYS A 1 33 ? 5.604   4.927   -15.493 1.00 0.00 ? 33 LYS A CG   1 
ATOM 524 C CD   . LYS A 1 33 ? 4.758   4.226   -14.417 1.00 0.00 ? 33 LYS A CD   1 
ATOM 525 C CE   . LYS A 1 33 ? 3.636   5.152   -13.934 1.00 0.00 ? 33 LYS A CE   1 
ATOM 526 N NZ   . LYS A 1 33 ? 2.580   4.241   -13.415 1.00 0.00 ? 33 LYS A NZ   1 
ATOM 527 H H    . LYS A 1 33 ? 6.460   5.226   -13.038 1.00 0.00 ? 33 LYS A H    1 
ATOM 528 H HA   . LYS A 1 33 ? 7.880   6.555   -15.224 1.00 0.00 ? 33 LYS A HA   1 
ATOM 529 H HB2  . LYS A 1 33 ? 4.936   6.766   -14.570 1.00 0.00 ? 33 LYS A HB2  1 
ATOM 530 H HB3  . LYS A 1 33 ? 5.689   6.973   -16.142 1.00 0.00 ? 33 LYS A HB3  1 
ATOM 531 H HG2  . LYS A 1 33 ? 5.135   4.788   -16.457 1.00 0.00 ? 33 LYS A HG2  1 
ATOM 532 H HG3  . LYS A 1 33 ? 6.589   4.484   -15.512 1.00 0.00 ? 33 LYS A HG3  1 
ATOM 533 H HD2  . LYS A 1 33 ? 4.324   3.331   -14.836 1.00 0.00 ? 33 LYS A HD2  1 
ATOM 534 H HD3  . LYS A 1 33 ? 5.385   3.956   -13.584 1.00 0.00 ? 33 LYS A HD3  1 
ATOM 535 H HE2  . LYS A 1 33 ? 4.003   5.801   -13.152 1.00 0.00 ? 33 LYS A HE2  1 
ATOM 536 H HE3  . LYS A 1 33 ? 3.256   5.741   -14.750 1.00 0.00 ? 33 LYS A HE3  1 
ATOM 537 H HZ1  . LYS A 1 33 ? 3.022   3.481   -12.860 1.00 0.00 ? 33 LYS A HZ1  1 
ATOM 538 H HZ2  . LYS A 1 33 ? 1.926   4.777   -12.809 1.00 0.00 ? 33 LYS A HZ2  1 
ATOM 539 H HZ3  . LYS A 1 33 ? 2.056   3.830   -14.212 1.00 0.00 ? 33 LYS A HZ3  1 
ATOM 540 N N    . THR A 1 34 ? 8.089   8.487   -13.191 1.00 0.00 ? 34 THR A N    1 
ATOM 541 C CA   . THR A 1 34 ? 8.145   9.871   -12.636 1.00 0.00 ? 34 THR A CA   1 
ATOM 542 C C    . THR A 1 34 ? 9.364   10.078  -11.726 1.00 0.00 ? 34 THR A C    1 
ATOM 543 O O    . THR A 1 34 ? 9.816   11.182  -11.496 1.00 0.00 ? 34 THR A O    1 
ATOM 544 C CB   . THR A 1 34 ? 6.904   9.941   -11.726 1.00 0.00 ? 34 THR A CB   1 
ATOM 545 O OG1  . THR A 1 34 ? 6.395   11.266  -11.693 1.00 0.00 ? 34 THR A OG1  1 
ATOM 546 C CG2  . THR A 1 34 ? 7.327   9.515   -10.321 1.00 0.00 ? 34 THR A CG2  1 
ATOM 547 H H    . THR A 1 34 ? 8.761   7.817   -12.923 1.00 0.00 ? 34 THR A H    1 
ATOM 548 H HA   . THR A 1 34 ? 8.087   10.616  -13.409 1.00 0.00 ? 34 THR A HA   1 
ATOM 549 H HB   . THR A 1 34 ? 6.137   9.262   -12.069 1.00 0.00 ? 34 THR A HB   1 
ATOM 550 H HG1  . THR A 1 34 ? 5.778   11.327  -10.959 1.00 0.00 ? 34 THR A HG1  1 
ATOM 551 H HG21 . THR A 1 34 ? 7.902   8.599   -10.394 1.00 0.00 ? 34 THR A HG21 1 
ATOM 552 H HG22 . THR A 1 34 ? 7.945   10.269  -9.891  1.00 0.00 ? 34 THR A HG22 1 
ATOM 553 H HG23 . THR A 1 34 ? 6.466   9.337   -9.712  1.00 0.00 ? 34 THR A HG23 1 
ATOM 554 N N    . ALA A 1 35 ? 9.774   9.019   -11.091 1.00 0.00 ? 35 ALA A N    1 
ATOM 555 C CA   . ALA A 1 35 ? 10.828  9.120   -10.048 1.00 0.00 ? 35 ALA A CA   1 
ATOM 556 C C    . ALA A 1 35 ? 11.795  7.979   -10.202 1.00 0.00 ? 35 ALA A C    1 
ATOM 557 O O    . ALA A 1 35 ? 12.352  7.476   -9.249  1.00 0.00 ? 35 ALA A O    1 
ATOM 558 C CB   . ALA A 1 35 ? 10.012  8.939   -8.751  1.00 0.00 ? 35 ALA A CB   1 
ATOM 559 H H    . ALA A 1 35 ? 9.312   8.153   -11.236 1.00 0.00 ? 35 ALA A H    1 
ATOM 560 H HA   . ALA A 1 35 ? 11.322  10.078  -10.061 1.00 0.00 ? 35 ALA A HA   1 
ATOM 561 H HB1  . ALA A 1 35 ? 9.845   7.881   -8.575  1.00 0.00 ? 35 ALA A HB1  1 
ATOM 562 H HB2  . ALA A 1 35 ? 9.050   9.421   -8.851  1.00 0.00 ? 35 ALA A HB2  1 
ATOM 563 H HB3  . ALA A 1 35 ? 10.528  9.359   -7.915  1.00 0.00 ? 35 ALA A HB3  1 
ATOM 564 N N    . ARG A 1 36 ? 11.939  7.522   -11.391 1.00 0.00 ? 36 ARG A N    1 
ATOM 565 C CA   . ARG A 1 36 ? 12.801  6.357   -11.617 1.00 0.00 ? 36 ARG A CA   1 
ATOM 566 C C    . ARG A 1 36 ? 13.565  6.500   -12.941 1.00 0.00 ? 36 ARG A C    1 
ATOM 567 O O    . ARG A 1 36 ? 14.348  5.650   -13.316 1.00 0.00 ? 36 ARG A O    1 
ATOM 568 C CB   . ARG A 1 36 ? 11.754  5.247   -11.644 1.00 0.00 ? 36 ARG A CB   1 
ATOM 569 C CG   . ARG A 1 36 ? 11.219  5.070   -13.058 1.00 0.00 ? 36 ARG A CG   1 
ATOM 570 C CD   . ARG A 1 36 ? 12.117  4.135   -13.864 1.00 0.00 ? 36 ARG A CD   1 
ATOM 571 N NE   . ARG A 1 36 ? 11.193  3.466   -14.824 1.00 0.00 ? 36 ARG A NE   1 
ATOM 572 C CZ   . ARG A 1 36 ? 11.526  3.363   -16.083 1.00 0.00 ? 36 ARG A CZ   1 
ATOM 573 N NH1  . ARG A 1 36 ? 11.796  2.193   -16.593 1.00 0.00 ? 36 ARG A NH1  1 
ATOM 574 N NH2  . ARG A 1 36 ? 11.583  4.429   -16.832 1.00 0.00 ? 36 ARG A NH2  1 
ATOM 575 H H    . ARG A 1 36 ? 11.428  7.912   -12.130 1.00 0.00 ? 36 ARG A H    1 
ATOM 576 H HA   . ARG A 1 36 ? 13.477  6.210   -10.791 1.00 0.00 ? 36 ARG A HA   1 
ATOM 577 H HB2  . ARG A 1 36 ? 12.169  4.335   -11.285 1.00 0.00 ? 36 ARG A HB2  1 
ATOM 578 H HB3  . ARG A 1 36 ? 10.928  5.540   -11.002 1.00 0.00 ? 36 ARG A HB3  1 
ATOM 579 H HG2  . ARG A 1 36 ? 10.229  4.654   -13.005 1.00 0.00 ? 36 ARG A HG2  1 
ATOM 580 H HG3  . ARG A 1 36 ? 11.172  6.042   -13.537 1.00 0.00 ? 36 ARG A HG3  1 
ATOM 581 H HD2  . ARG A 1 36 ? 12.869  4.700   -14.395 1.00 0.00 ? 36 ARG A HD2  1 
ATOM 582 H HD3  . ARG A 1 36 ? 12.575  3.402   -13.218 1.00 0.00 ? 36 ARG A HD3  1 
ATOM 583 H HE   . ARG A 1 36 ? 10.333  3.111   -14.511 1.00 0.00 ? 36 ARG A HE   1 
ATOM 584 H HH11 . ARG A 1 36 ? 11.750  1.375   -16.020 1.00 0.00 ? 36 ARG A HH11 1 
ATOM 585 H HH12 . ARG A 1 36 ? 12.052  2.116   -17.556 1.00 0.00 ? 36 ARG A HH12 1 
ATOM 586 H HH21 . ARG A 1 36 ? 11.375  5.325   -16.443 1.00 0.00 ? 36 ARG A HH21 1 
ATOM 587 H HH22 . ARG A 1 36 ? 11.841  4.350   -17.795 1.00 0.00 ? 36 ARG A HH22 1 
ATOM 588 N N    . LYS A 1 37 ? 13.345  7.579   -13.641 1.00 0.00 ? 37 LYS A N    1 
ATOM 589 C CA   . LYS A 1 37 ? 14.040  7.802   -14.928 1.00 0.00 ? 37 LYS A CA   1 
ATOM 590 C C    . LYS A 1 37 ? 15.131  8.835   -14.751 1.00 0.00 ? 37 LYS A C    1 
ATOM 591 O O    . LYS A 1 37 ? 16.238  8.553   -14.338 1.00 0.00 ? 37 LYS A O    1 
ATOM 592 C CB   . LYS A 1 37 ? 12.922  8.266   -15.870 1.00 0.00 ? 37 LYS A CB   1 
ATOM 593 C CG   . LYS A 1 37 ? 13.507  8.661   -17.226 1.00 0.00 ? 37 LYS A CG   1 
ATOM 594 C CD   . LYS A 1 37 ? 12.379  9.161   -18.134 1.00 0.00 ? 37 LYS A CD   1 
ATOM 595 C CE   . LYS A 1 37 ? 12.912  9.364   -19.554 1.00 0.00 ? 37 LYS A CE   1 
ATOM 596 N NZ   . LYS A 1 37 ? 11.815  10.058  -20.283 1.00 0.00 ? 37 LYS A NZ   1 
ATOM 597 H H    . LYS A 1 37 ? 12.720  8.258   -13.318 1.00 0.00 ? 37 LYS A H    1 
ATOM 598 H HA   . LYS A 1 37 ? 14.458  6.931   -15.295 1.00 0.00 ? 37 LYS A HA   1 
ATOM 599 H HB2  . LYS A 1 37 ? 12.217  7.459   -16.008 1.00 0.00 ? 37 LYS A HB2  1 
ATOM 600 H HB3  . LYS A 1 37 ? 12.412  9.114   -15.437 1.00 0.00 ? 37 LYS A HB3  1 
ATOM 601 H HG2  . LYS A 1 37 ? 14.237  9.446   -17.093 1.00 0.00 ? 37 LYS A HG2  1 
ATOM 602 H HG3  . LYS A 1 37 ? 13.979  7.803   -17.680 1.00 0.00 ? 37 LYS A HG3  1 
ATOM 603 H HD2  . LYS A 1 37 ? 11.582  8.430   -18.150 1.00 0.00 ? 37 LYS A HD2  1 
ATOM 604 H HD3  . LYS A 1 37 ? 12.001  10.098  -17.755 1.00 0.00 ? 37 LYS A HD3  1 
ATOM 605 H HE2  . LYS A 1 37 ? 13.802  9.977   -19.534 1.00 0.00 ? 37 LYS A HE2  1 
ATOM 606 H HE3  . LYS A 1 37 ? 13.120  8.411   -20.017 1.00 0.00 ? 37 LYS A HE3  1 
ATOM 607 H HZ1  . LYS A 1 37 ? 10.915  9.566   -20.107 1.00 0.00 ? 37 LYS A HZ1  1 
ATOM 608 H HZ2  . LYS A 1 37 ? 11.743  11.039  -19.946 1.00 0.00 ? 37 LYS A HZ2  1 
ATOM 609 H HZ3  . LYS A 1 37 ? 12.021  10.055  -21.303 1.00 0.00 ? 37 LYS A HZ3  1 
ATOM 610 N N    . SER A 1 38 ? 14.806  10.010  -15.067 1.00 0.00 ? 38 SER A N    1 
ATOM 611 C CA   . SER A 1 38 ? 15.770  11.141  -14.949 1.00 0.00 ? 38 SER A CA   1 
ATOM 612 C C    . SER A 1 38 ? 16.492  11.081  -13.599 1.00 0.00 ? 38 SER A C    1 
ATOM 613 O O    . SER A 1 38 ? 17.693  11.294  -13.584 1.00 0.00 ? 38 SER A O    1 
ATOM 614 C CB   . SER A 1 38 ? 14.909  12.400  -15.040 1.00 0.00 ? 38 SER A CB   1 
ATOM 615 O OG   . SER A 1 38 ? 15.720  13.541  -14.800 1.00 0.00 ? 38 SER A OG   1 
ATOM 616 O OXT  . SER A 1 38 ? 15.832  10.824  -12.606 1.00 0.00 ? 38 SER A OXT  1 
ATOM 617 H H    . SER A 1 38 ? 13.914  10.143  -15.387 1.00 0.00 ? 38 SER A H    1 
ATOM 618 H HA   . SER A 1 38 ? 16.480  11.119  -15.760 1.00 0.00 ? 38 SER A HA   1 
ATOM 619 H HB2  . SER A 1 38 ? 14.478  12.471  -16.025 1.00 0.00 ? 38 SER A HB2  1 
ATOM 620 H HB3  . SER A 1 38 ? 14.118  12.347  -14.306 1.00 0.00 ? 38 SER A HB3  1 
ATOM 621 H HG   . SER A 1 38 ? 15.247  14.313  -15.121 1.00 0.00 ? 38 SER A HG   1 
# 
